data_7MFK
#
_entry.id   7MFK
#
_cell.length_a   90.610
_cell.length_b   90.610
_cell.length_c   252.291
_cell.angle_alpha   90.000
_cell.angle_beta   90.000
_cell.angle_gamma   120.000
#
_symmetry.space_group_name_H-M   'P 61'
#
loop_
_entity.id
_entity.type
_entity.pdbx_description
1 polymer 'Alpha-N-acetylglucosaminidase family protein'
2 non-polymer 1,2-ETHANEDIOL
3 non-polymer 'CALCIUM ION'
4 non-polymer 'SULFATE ION'
5 non-polymer N-[(2S,3S,4R,5R,6R)-4,5-dihydroxy-2,6-bis(hydroxymethyl)piperidin-3-yl]acetamide
6 water water
#
_entity_poly.entity_id   1
_entity_poly.type   'polypeptide(L)'
_entity_poly.pdbx_seq_one_letter_code
;GSHMASSTGVEITEGVTVTAKGNTEGNTADLAIDGDLSTYWESSNDYKWIEVDLGGIYELSKIEIFNKDEAVYKYNIYAS
EDGENFNKIAYKNNDNVSDSNGNMHTIDNVRAGKIRIDVVQNSNSDRVNIAEINVFGKNTGESLPEVKKIATSNFSETPW
ATEYEKFNSDSAYANEKTLNEIKNLVGRVIGREFKDKFIFEIRDQLNGNDVFEVSDSGDGKVLIKGNNGVSLASGFNYYL
KNYCNVSYNPIMGSNLKMPETMPSVGERVVIDTPYEHRYALNFCTYSYTMSFWDWDQYEEFLDWCAMNGVNLVLDIIGQE
EVLRRTLNEFGYSDEEVKEFISGPAYFAWFYMQNMTGFGGPLPNDWFEQRAELGRKMHDRMQSFGINPVLQGYSGMVPRD
FKEKNQEAQTISQGGWCGFDRPDMLKTYVNEGEADYFQKVADVFYEKQKEVFGDVTNFYGVDPFHEGGNTGDLDNGKIYE
IIQNKMIEHDNDAVWVIQNWQGNPSNNKLEGLTKKDQAMVLDLFSEVSPDWNRLEERDLPWIWNMLHNFGGRMGMDAAPE
KLATEIPKALANSEHMVGIGITPEAINTNPLAYELLFDMAWTRDQINFRTWTEDYIERRYGKTNKEILEAWNIILDTAYK
KRNDYYQGAAESIINARPGFGIKSASTWGHSKIVYDKSEFEKAIEIFAKNYDEFKDSDAFLYDFADILKQLLANSAQEYY
EVMCNAYNNGNGEKFKFVSGKFLELIKLQERVLSTRPEFLIGNWIEDARTMLKDSDDWTKDLFEFNARALVTTWGSRNNA
DGGGLKDYSNRQWSGLTEDYYYARWEKWINGLQAELDGGAKAPNIDWFKMEYDWVNKKSDTDKLYPTEASNENLGELAKI
AMESYSVTNMDKILGENES
;
_entity_poly.pdbx_strand_id   A
#
loop_
_chem_comp.id
_chem_comp.type
_chem_comp.name
_chem_comp.formula
CA non-polymer 'CALCIUM ION' 'Ca 2'
EDO non-polymer 1,2-ETHANEDIOL 'C2 H6 O2'
SO4 non-polymer 'SULFATE ION' 'O4 S -2'
Z7S non-polymer N-[(2S,3S,4R,5R,6R)-4,5-dihydroxy-2,6-bis(hydroxymethyl)piperidin-3-yl]acetamide 'C9 H18 N2 O5'
#
# COMPACT_ATOMS: atom_id res chain seq x y z
N GLY A 9 -17.98 6.47 44.29
CA GLY A 9 -18.23 5.69 43.09
C GLY A 9 -19.58 4.98 42.98
N VAL A 10 -20.66 5.75 42.74
CA VAL A 10 -22.02 5.24 42.68
C VAL A 10 -22.35 4.81 41.26
N GLU A 11 -23.04 3.67 41.13
CA GLU A 11 -23.46 3.18 39.82
C GLU A 11 -24.36 4.21 39.12
N ILE A 12 -24.10 4.42 37.84
CA ILE A 12 -24.83 5.40 37.03
C ILE A 12 -26.05 4.70 36.45
N THR A 13 -27.21 4.93 37.06
CA THR A 13 -28.44 4.20 36.73
C THR A 13 -29.52 5.09 36.13
N GLU A 14 -29.14 6.24 35.56
CA GLU A 14 -30.11 7.17 35.00
C GLU A 14 -29.44 8.00 33.94
N GLY A 15 -30.14 8.22 32.82
CA GLY A 15 -29.64 9.05 31.75
C GLY A 15 -28.60 8.41 30.87
N VAL A 16 -28.43 7.09 30.91
CA VAL A 16 -27.43 6.41 30.13
C VAL A 16 -28.04 5.93 28.82
N THR A 17 -27.41 6.26 27.70
CA THR A 17 -27.81 5.82 26.38
C THR A 17 -26.61 5.23 25.65
N VAL A 18 -26.89 4.56 24.53
CA VAL A 18 -25.87 3.80 23.81
C VAL A 18 -26.21 3.79 22.33
N THR A 19 -25.15 3.74 21.51
CA THR A 19 -25.28 3.55 20.08
C THR A 19 -24.29 2.48 19.63
N ALA A 20 -24.63 1.86 18.50
CA ALA A 20 -23.71 1.00 17.77
C ALA A 20 -23.90 1.25 16.28
N LYS A 21 -22.95 0.76 15.48
CA LYS A 21 -23.01 0.91 14.04
C LYS A 21 -23.43 -0.39 13.35
N GLY A 22 -23.84 -1.39 14.12
CA GLY A 22 -24.32 -2.63 13.56
C GLY A 22 -24.79 -3.58 14.64
N ASN A 23 -25.74 -4.44 14.31
CA ASN A 23 -26.26 -5.41 15.27
C ASN A 23 -27.05 -6.46 14.53
N THR A 24 -27.05 -7.68 15.06
CA THR A 24 -27.89 -8.72 14.50
C THR A 24 -29.34 -8.47 14.91
N GLU A 25 -30.27 -9.11 14.21
CA GLU A 25 -31.68 -8.76 14.37
C GLU A 25 -32.15 -9.02 15.80
N GLY A 26 -32.76 -7.99 16.39
CA GLY A 26 -33.27 -8.12 17.74
C GLY A 26 -32.21 -8.14 18.83
N ASN A 27 -30.96 -7.84 18.49
CA ASN A 27 -29.91 -7.70 19.48
C ASN A 27 -29.33 -6.30 19.36
N THR A 28 -30.18 -5.29 19.55
CA THR A 28 -29.79 -3.91 19.35
C THR A 28 -28.86 -3.43 20.47
N ALA A 29 -28.28 -2.25 20.25
CA ALA A 29 -27.31 -1.68 21.18
C ALA A 29 -27.90 -1.52 22.58
N ASP A 30 -29.12 -0.99 22.66
CA ASP A 30 -29.74 -0.71 23.95
C ASP A 30 -29.88 -1.94 24.82
N LEU A 31 -29.84 -3.14 24.23
CA LEU A 31 -29.93 -4.35 25.03
C LEU A 31 -28.69 -4.59 25.88
N ALA A 32 -27.63 -3.80 25.70
CA ALA A 32 -26.46 -3.91 26.56
C ALA A 32 -26.59 -3.09 27.85
N ILE A 33 -27.60 -2.23 27.96
CA ILE A 33 -27.71 -1.35 29.12
C ILE A 33 -29.12 -1.37 29.69
N ASP A 34 -29.88 -2.42 29.42
CA ASP A 34 -31.23 -2.54 29.93
C ASP A 34 -31.31 -3.27 31.27
N GLY A 35 -30.17 -3.49 31.94
CA GLY A 35 -30.18 -4.13 33.23
C GLY A 35 -30.63 -5.58 33.22
N ASP A 36 -30.56 -6.24 32.07
CA ASP A 36 -31.08 -7.59 31.89
C ASP A 36 -29.97 -8.46 31.31
N LEU A 37 -29.43 -9.37 32.12
CA LEU A 37 -28.34 -10.22 31.65
C LEU A 37 -28.79 -11.22 30.58
N SER A 38 -30.09 -11.37 30.35
CA SER A 38 -30.59 -12.30 29.34
C SER A 38 -30.73 -11.67 27.97
N THR A 39 -30.63 -10.34 27.86
CA THR A 39 -30.61 -9.65 26.58
C THR A 39 -29.23 -9.07 26.34
N TYR A 40 -28.84 -9.01 25.07
CA TYR A 40 -27.48 -8.60 24.74
C TYR A 40 -27.46 -7.89 23.40
N TRP A 41 -26.59 -6.90 23.29
CA TRP A 41 -26.16 -6.44 21.99
C TRP A 41 -25.24 -7.48 21.38
N GLU A 42 -25.34 -7.68 20.07
CA GLU A 42 -24.45 -8.57 19.35
C GLU A 42 -24.09 -7.91 18.03
N SER A 43 -22.82 -7.97 17.66
CA SER A 43 -22.35 -7.33 16.44
C SER A 43 -22.78 -8.12 15.22
N SER A 44 -23.01 -7.41 14.11
CA SER A 44 -23.35 -8.03 12.84
C SER A 44 -22.31 -7.83 11.77
N ASN A 45 -21.30 -7.00 11.99
CA ASN A 45 -20.26 -6.77 10.99
C ASN A 45 -18.96 -6.44 11.73
N ASP A 46 -18.05 -5.73 11.06
CA ASP A 46 -16.75 -5.46 11.63
C ASP A 46 -16.74 -4.24 12.55
N TYR A 47 -17.84 -3.51 12.65
CA TYR A 47 -18.01 -2.53 13.72
C TYR A 47 -18.37 -3.32 14.97
N LYS A 48 -17.36 -3.67 15.75
CA LYS A 48 -17.54 -4.49 16.94
C LYS A 48 -17.47 -3.66 18.22
N TRP A 49 -17.97 -2.42 18.19
CA TRP A 49 -17.90 -1.57 19.37
C TRP A 49 -19.23 -0.85 19.59
N ILE A 50 -19.48 -0.50 20.84
CA ILE A 50 -20.62 0.31 21.24
C ILE A 50 -20.11 1.55 21.96
N GLU A 51 -20.92 2.60 21.93
CA GLU A 51 -20.58 3.89 22.51
C GLU A 51 -21.66 4.28 23.51
N VAL A 52 -21.28 4.37 24.78
CA VAL A 52 -22.21 4.70 25.86
C VAL A 52 -22.04 6.18 26.20
N ASP A 53 -23.16 6.91 26.21
CA ASP A 53 -23.21 8.27 26.73
C ASP A 53 -23.75 8.24 28.14
N LEU A 54 -23.02 8.88 29.06
CA LEU A 54 -23.31 8.78 30.48
C LEU A 54 -24.28 9.84 30.98
N GLY A 55 -24.84 10.67 30.10
CA GLY A 55 -25.71 11.75 30.55
C GLY A 55 -25.00 12.78 31.40
N GLY A 56 -23.72 13.03 31.11
CA GLY A 56 -22.91 13.94 31.91
C GLY A 56 -21.51 13.43 32.08
N ILE A 57 -20.63 14.22 32.68
CA ILE A 57 -19.25 13.84 32.90
C ILE A 57 -19.12 13.32 34.32
N TYR A 58 -18.66 12.08 34.44
CA TYR A 58 -18.39 11.45 35.73
C TYR A 58 -16.90 11.12 35.83
N GLU A 59 -16.39 11.10 37.05
CA GLU A 59 -15.05 10.55 37.32
C GLU A 59 -15.24 9.06 37.59
N LEU A 60 -14.90 8.23 36.62
CA LEU A 60 -15.21 6.81 36.69
C LEU A 60 -14.27 6.07 37.62
N SER A 61 -14.83 5.16 38.41
CA SER A 61 -14.05 4.30 39.29
C SER A 61 -14.06 2.84 38.86
N LYS A 62 -15.17 2.36 38.29
CA LYS A 62 -15.30 0.96 37.90
C LYS A 62 -16.11 0.87 36.62
N ILE A 63 -15.79 -0.13 35.81
CA ILE A 63 -16.60 -0.53 34.66
C ILE A 63 -16.77 -2.04 34.71
N GLU A 64 -18.01 -2.51 34.62
CA GLU A 64 -18.34 -3.92 34.76
C GLU A 64 -18.97 -4.39 33.46
N ILE A 65 -18.52 -5.54 32.96
CA ILE A 65 -18.95 -6.03 31.66
C ILE A 65 -19.33 -7.50 31.78
N PHE A 66 -20.57 -7.81 31.40
CA PHE A 66 -21.06 -9.17 31.30
C PHE A 66 -21.22 -9.55 29.83
N ASN A 67 -20.90 -10.79 29.51
CA ASN A 67 -21.13 -11.33 28.18
C ASN A 67 -22.31 -12.29 28.20
N LYS A 68 -22.76 -12.68 27.02
CA LYS A 68 -23.95 -13.51 26.90
C LYS A 68 -23.70 -14.98 27.21
N ASP A 69 -22.45 -15.41 27.29
CA ASP A 69 -22.16 -16.84 27.50
C ASP A 69 -20.82 -16.98 28.19
N GLU A 70 -20.19 -18.15 28.07
CA GLU A 70 -18.98 -18.47 28.80
C GLU A 70 -17.74 -18.51 27.91
N ALA A 71 -17.73 -17.72 26.84
CA ALA A 71 -16.56 -17.72 25.97
C ALA A 71 -15.46 -16.82 26.54
N VAL A 72 -14.31 -16.85 25.89
CA VAL A 72 -13.18 -15.99 26.23
C VAL A 72 -13.28 -14.73 25.38
N TYR A 73 -13.51 -13.60 26.03
CA TYR A 73 -13.62 -12.33 25.33
C TYR A 73 -12.41 -11.47 25.61
N LYS A 74 -12.02 -10.69 24.60
CA LYS A 74 -10.98 -9.68 24.73
C LYS A 74 -11.53 -8.37 24.18
N TYR A 75 -11.25 -7.27 24.88
CA TYR A 75 -11.84 -6.00 24.50
C TYR A 75 -10.99 -4.86 25.03
N ASN A 76 -11.25 -3.68 24.46
CA ASN A 76 -10.56 -2.45 24.83
C ASN A 76 -11.59 -1.37 25.09
N ILE A 77 -11.36 -0.59 26.14
CA ILE A 77 -12.32 0.39 26.66
C ILE A 77 -11.71 1.78 26.55
N TYR A 78 -12.43 2.69 25.91
CA TYR A 78 -11.98 4.06 25.72
C TYR A 78 -12.97 5.02 26.35
N ALA A 79 -12.49 6.23 26.65
CA ALA A 79 -13.30 7.25 27.30
C ALA A 79 -12.97 8.62 26.73
N SER A 80 -13.98 9.49 26.73
CA SER A 80 -13.83 10.86 26.25
C SER A 80 -14.46 11.83 27.26
N GLU A 81 -13.70 12.86 27.64
CA GLU A 81 -14.25 13.94 28.45
C GLU A 81 -14.47 15.22 27.68
N ASP A 82 -14.01 15.31 26.43
CA ASP A 82 -14.23 16.48 25.59
C ASP A 82 -15.13 16.20 24.39
N GLY A 83 -15.57 14.95 24.20
CA GLY A 83 -16.45 14.61 23.10
C GLY A 83 -15.76 14.19 21.83
N GLU A 84 -14.48 14.55 21.66
CA GLU A 84 -13.73 14.23 20.44
C GLU A 84 -12.69 13.14 20.65
N ASN A 85 -11.92 13.21 21.74
CA ASN A 85 -10.78 12.33 21.94
C ASN A 85 -11.16 11.18 22.84
N PHE A 86 -11.10 9.96 22.31
CA PHE A 86 -11.38 8.74 23.06
C PHE A 86 -10.05 8.04 23.32
N ASN A 87 -9.59 8.11 24.57
CA ASN A 87 -8.34 7.48 24.97
C ASN A 87 -8.62 6.21 25.76
N LYS A 88 -7.66 5.29 25.73
CA LYS A 88 -7.85 3.95 26.29
C LYS A 88 -7.71 3.99 27.81
N ILE A 89 -8.73 3.51 28.52
CA ILE A 89 -8.74 3.54 29.98
C ILE A 89 -8.68 2.16 30.61
N ALA A 90 -8.90 1.09 29.85
CA ALA A 90 -8.88 -0.27 30.39
C ALA A 90 -9.01 -1.25 29.22
N TYR A 91 -8.67 -2.50 29.51
CA TYR A 91 -8.74 -3.54 28.49
C TYR A 91 -8.69 -4.90 29.17
N LYS A 92 -9.21 -5.90 28.48
CA LYS A 92 -9.06 -7.30 28.87
C LYS A 92 -8.37 -8.03 27.74
N ASN A 93 -7.22 -8.63 28.01
CA ASN A 93 -6.53 -9.44 27.01
C ASN A 93 -6.05 -10.78 27.54
N ASN A 94 -6.35 -11.12 28.80
CA ASN A 94 -6.06 -12.47 29.25
C ASN A 94 -7.03 -13.47 28.63
N ASP A 95 -6.78 -14.74 28.87
CA ASP A 95 -7.58 -15.81 28.27
C ASP A 95 -8.63 -16.37 29.22
N ASN A 96 -9.04 -15.58 30.23
CA ASN A 96 -10.07 -16.04 31.15
C ASN A 96 -11.43 -16.10 30.47
N VAL A 97 -12.19 -17.16 30.77
CA VAL A 97 -13.55 -17.25 30.27
C VAL A 97 -14.42 -16.23 31.01
N SER A 98 -15.45 -15.74 30.32
CA SER A 98 -16.50 -14.99 30.97
C SER A 98 -17.36 -15.94 31.80
N ASP A 99 -18.00 -15.39 32.84
CA ASP A 99 -18.90 -16.19 33.67
C ASP A 99 -19.99 -15.29 34.22
N SER A 100 -20.83 -15.87 35.09
CA SER A 100 -21.98 -15.15 35.62
C SER A 100 -21.60 -14.07 36.62
N ASN A 101 -20.31 -13.94 36.97
CA ASN A 101 -19.90 -12.86 37.86
C ASN A 101 -19.51 -11.59 37.11
N GLY A 102 -19.35 -11.67 35.79
CA GLY A 102 -18.92 -10.52 35.02
C GLY A 102 -17.46 -10.20 35.27
N ASN A 103 -16.97 -9.21 34.55
CA ASN A 103 -15.60 -8.73 34.69
C ASN A 103 -15.63 -7.28 35.17
N MET A 104 -14.91 -7.02 36.25
CA MET A 104 -14.88 -5.70 36.86
C MET A 104 -13.51 -5.08 36.64
N HIS A 105 -13.50 -3.86 36.09
CA HIS A 105 -12.27 -3.15 35.80
C HIS A 105 -12.18 -1.91 36.68
N THR A 106 -11.03 -1.73 37.32
CA THR A 106 -10.78 -0.51 38.08
C THR A 106 -10.34 0.59 37.14
N ILE A 107 -10.98 1.75 37.26
CA ILE A 107 -10.58 2.97 36.57
C ILE A 107 -10.04 3.93 37.62
N ASP A 108 -9.02 4.71 37.25
CA ASP A 108 -8.34 5.58 38.21
C ASP A 108 -8.94 6.99 38.19
N ASN A 109 -10.24 7.04 38.49
CA ASN A 109 -10.99 8.31 38.60
C ASN A 109 -10.78 9.18 37.37
N VAL A 110 -10.99 8.58 36.20
CA VAL A 110 -10.83 9.25 34.92
C VAL A 110 -12.14 9.94 34.55
N ARG A 111 -12.06 11.22 34.20
CA ARG A 111 -13.24 11.93 33.74
C ARG A 111 -13.70 11.37 32.39
N ALA A 112 -15.00 11.15 32.26
CA ALA A 112 -15.56 10.63 31.01
C ALA A 112 -17.03 11.00 30.89
N GLY A 113 -17.40 11.54 29.73
CA GLY A 113 -18.79 11.75 29.41
C GLY A 113 -19.32 10.67 28.48
N LYS A 114 -18.42 10.09 27.69
CA LYS A 114 -18.74 8.99 26.80
C LYS A 114 -17.72 7.87 26.98
N ILE A 115 -18.12 6.66 26.57
CA ILE A 115 -17.27 5.47 26.69
C ILE A 115 -17.45 4.63 25.43
N ARG A 116 -16.34 4.07 24.93
CA ARG A 116 -16.36 3.14 23.81
C ARG A 116 -15.82 1.79 24.26
N ILE A 117 -16.57 0.73 24.00
CA ILE A 117 -16.12 -0.64 24.27
C ILE A 117 -15.99 -1.35 22.95
N ASP A 118 -14.80 -1.85 22.65
CA ASP A 118 -14.52 -2.54 21.39
C ASP A 118 -14.15 -3.98 21.72
N VAL A 119 -15.07 -4.91 21.42
CA VAL A 119 -14.86 -6.33 21.69
C VAL A 119 -14.18 -6.91 20.45
N VAL A 120 -12.87 -7.09 20.54
CA VAL A 120 -12.11 -7.54 19.36
C VAL A 120 -12.04 -9.05 19.24
N GLN A 121 -12.28 -9.80 20.31
CA GLN A 121 -12.19 -11.26 20.24
C GLN A 121 -13.36 -11.91 20.98
N ASN A 122 -13.93 -12.93 20.36
CA ASN A 122 -14.80 -13.91 21.00
C ASN A 122 -14.32 -15.29 20.57
N SER A 123 -13.88 -16.09 21.54
CA SER A 123 -13.32 -17.41 21.23
C SER A 123 -14.34 -18.35 20.62
N ASN A 124 -15.64 -18.04 20.72
CA ASN A 124 -16.69 -18.95 20.29
C ASN A 124 -17.30 -18.57 18.94
N SER A 125 -17.06 -17.35 18.45
CA SER A 125 -17.82 -16.87 17.31
C SER A 125 -17.10 -15.67 16.70
N ASP A 126 -17.34 -15.46 15.39
CA ASP A 126 -16.86 -14.24 14.76
C ASP A 126 -17.56 -13.02 15.32
N ARG A 127 -18.80 -13.18 15.80
CA ARG A 127 -19.55 -12.06 16.33
C ARG A 127 -19.30 -11.93 17.82
N VAL A 128 -19.37 -10.68 18.28
CA VAL A 128 -19.12 -10.36 19.68
C VAL A 128 -20.43 -9.89 20.29
N ASN A 129 -20.45 -9.82 21.61
CA ASN A 129 -21.68 -9.47 22.30
C ASN A 129 -21.32 -8.83 23.64
N ILE A 130 -22.25 -8.02 24.12
CA ILE A 130 -22.22 -7.47 25.47
C ILE A 130 -23.61 -7.64 26.06
N ALA A 131 -23.70 -8.42 27.14
CA ALA A 131 -24.99 -8.62 27.79
C ALA A 131 -25.35 -7.41 28.65
N GLU A 132 -24.42 -6.95 29.48
CA GLU A 132 -24.65 -5.77 30.31
C GLU A 132 -23.33 -5.04 30.49
N ILE A 133 -23.40 -3.71 30.54
CA ILE A 133 -22.27 -2.89 30.95
C ILE A 133 -22.75 -1.90 32.00
N ASN A 134 -22.15 -1.95 33.18
CA ASN A 134 -22.42 -1.02 34.26
C ASN A 134 -21.22 -0.11 34.44
N VAL A 135 -21.47 1.17 34.70
CA VAL A 135 -20.42 2.16 34.91
C VAL A 135 -20.63 2.80 36.28
N PHE A 136 -19.52 2.95 37.02
CA PHE A 136 -19.54 3.49 38.38
C PHE A 136 -18.63 4.71 38.45
N GLY A 137 -19.16 5.81 38.96
CA GLY A 137 -18.36 7.00 39.15
C GLY A 137 -19.15 8.06 39.89
N LYS A 138 -18.52 9.22 40.04
CA LYS A 138 -19.15 10.37 40.70
C LYS A 138 -19.38 11.49 39.71
N ASN A 139 -20.61 12.02 39.71
CA ASN A 139 -20.96 13.19 38.93
C ASN A 139 -19.99 14.34 39.19
N THR A 140 -19.46 14.92 38.12
CA THR A 140 -18.74 16.18 38.23
C THR A 140 -19.67 17.39 38.11
N GLY A 141 -20.90 17.18 37.67
CA GLY A 141 -21.81 18.27 37.38
C GLY A 141 -21.60 18.92 36.02
N GLU A 142 -20.59 18.51 35.27
CA GLU A 142 -20.32 19.10 33.97
C GLU A 142 -20.90 18.24 32.85
N SER A 143 -21.14 18.89 31.71
CA SER A 143 -21.63 18.24 30.52
C SER A 143 -20.58 18.36 29.41
N LEU A 144 -20.58 17.39 28.50
CA LEU A 144 -19.65 17.41 27.39
C LEU A 144 -19.88 18.65 26.54
N PRO A 145 -18.83 19.21 25.95
CA PRO A 145 -19.01 20.30 25.00
C PRO A 145 -19.58 19.80 23.68
N GLU A 146 -20.32 20.68 23.02
CA GLU A 146 -20.71 20.41 21.65
C GLU A 146 -19.46 20.33 20.79
N VAL A 147 -19.33 19.27 20.01
CA VAL A 147 -18.13 19.02 19.23
C VAL A 147 -18.25 19.72 17.88
N LYS A 148 -17.16 20.35 17.47
CA LYS A 148 -17.16 21.13 16.23
C LYS A 148 -17.39 20.21 15.03
N LYS A 149 -18.30 20.61 14.15
CA LYS A 149 -18.50 19.87 12.92
C LYS A 149 -17.24 19.95 12.06
N ILE A 150 -17.13 19.02 11.11
CA ILE A 150 -15.99 19.04 10.21
C ILE A 150 -16.05 20.28 9.34
N ALA A 151 -14.98 21.07 9.35
CA ALA A 151 -14.85 22.24 8.50
C ALA A 151 -13.56 22.11 7.70
N THR A 152 -13.64 22.42 6.41
CA THR A 152 -12.47 22.45 5.55
C THR A 152 -12.49 23.70 4.69
N SER A 153 -11.30 24.12 4.27
CA SER A 153 -11.16 25.33 3.47
C SER A 153 -11.42 25.04 2.00
N ASN A 154 -12.05 25.99 1.32
CA ASN A 154 -12.06 25.99 -0.13
C ASN A 154 -10.67 26.40 -0.63
N PHE A 155 -10.24 25.74 -1.72
CA PHE A 155 -8.91 25.99 -2.28
C PHE A 155 -8.69 27.49 -2.51
N SER A 156 -9.65 28.16 -3.15
CA SER A 156 -9.51 29.57 -3.48
C SER A 156 -9.30 30.45 -2.25
N GLU A 157 -9.64 29.97 -1.06
CA GLU A 157 -9.40 30.73 0.17
C GLU A 157 -7.96 30.65 0.66
N THR A 158 -7.21 29.68 0.20
CA THR A 158 -5.96 29.34 0.85
C THR A 158 -4.78 30.03 0.19
N PRO A 159 -3.65 30.15 0.89
CA PRO A 159 -2.42 30.56 0.21
C PRO A 159 -2.02 29.65 -0.93
N TRP A 160 -2.51 28.40 -0.95
CA TRP A 160 -2.18 27.49 -2.04
C TRP A 160 -2.70 28.02 -3.37
N ALA A 161 -3.93 28.56 -3.37
CA ALA A 161 -4.49 29.10 -4.61
C ALA A 161 -3.67 30.28 -5.11
N THR A 162 -3.32 31.21 -4.22
CA THR A 162 -2.48 32.34 -4.59
C THR A 162 -1.21 31.88 -5.28
N GLU A 163 -0.47 30.98 -4.61
CA GLU A 163 0.79 30.50 -5.18
C GLU A 163 0.56 29.74 -6.48
N TYR A 164 -0.52 28.97 -6.56
CA TYR A 164 -0.76 28.17 -7.76
C TYR A 164 -1.06 29.04 -8.97
N GLU A 165 -1.83 30.12 -8.77
CA GLU A 165 -2.14 30.99 -9.89
C GLU A 165 -0.94 31.86 -10.26
N LYS A 166 -0.16 32.29 -9.27
CA LYS A 166 1.04 33.06 -9.56
C LYS A 166 1.99 32.28 -10.46
N PHE A 167 2.21 30.99 -10.15
CA PHE A 167 2.99 30.13 -11.03
C PHE A 167 2.39 30.09 -12.43
N ASN A 168 1.05 30.09 -12.54
CA ASN A 168 0.39 29.95 -13.83
C ASN A 168 0.54 31.21 -14.67
N SER A 169 0.51 32.38 -14.04
CA SER A 169 0.38 33.64 -14.75
C SER A 169 1.68 34.40 -14.88
N ASP A 170 2.73 34.00 -14.17
CA ASP A 170 3.99 34.74 -14.12
C ASP A 170 5.12 33.76 -14.48
N SER A 171 5.54 33.79 -15.75
CA SER A 171 6.56 32.84 -16.21
C SER A 171 7.88 33.02 -15.47
N ALA A 172 8.25 34.26 -15.16
CA ALA A 172 9.50 34.50 -14.45
C ALA A 172 9.43 33.97 -13.03
N TYR A 173 8.30 34.20 -12.35
CA TYR A 173 8.09 33.65 -11.02
C TYR A 173 8.13 32.13 -11.05
N ALA A 174 7.52 31.51 -12.06
CA ALA A 174 7.48 30.06 -12.15
C ALA A 174 8.88 29.49 -12.40
N ASN A 175 9.64 30.09 -13.31
CA ASN A 175 10.98 29.58 -13.58
C ASN A 175 11.88 29.71 -12.36
N GLU A 176 11.79 30.84 -11.66
CA GLU A 176 12.54 30.98 -10.41
C GLU A 176 12.10 29.91 -9.41
N LYS A 177 10.79 29.63 -9.35
CA LYS A 177 10.29 28.59 -8.46
C LYS A 177 10.86 27.23 -8.83
N THR A 178 10.80 26.88 -10.12
CA THR A 178 11.29 25.59 -10.59
C THR A 178 12.78 25.44 -10.34
N LEU A 179 13.59 26.43 -10.78
CA LEU A 179 15.03 26.35 -10.60
C LEU A 179 15.41 26.31 -9.13
N ASN A 180 14.75 27.11 -8.30
CA ASN A 180 15.05 27.07 -6.87
C ASN A 180 14.69 25.72 -6.25
N GLU A 181 13.57 25.13 -6.69
CA GLU A 181 13.15 23.84 -6.13
C GLU A 181 14.10 22.73 -6.56
N ILE A 182 14.60 22.80 -7.79
CA ILE A 182 15.57 21.80 -8.25
C ILE A 182 16.85 21.89 -7.44
N LYS A 183 17.28 23.11 -7.12
CA LYS A 183 18.43 23.28 -6.23
C LYS A 183 18.15 22.65 -4.87
N ASN A 184 16.93 22.83 -4.36
CA ASN A 184 16.55 22.22 -3.09
C ASN A 184 16.56 20.70 -3.17
N LEU A 185 16.17 20.16 -4.33
CA LEU A 185 16.25 18.71 -4.53
C LEU A 185 17.69 18.23 -4.38
N VAL A 186 18.64 18.94 -4.97
CA VAL A 186 20.05 18.59 -4.85
C VAL A 186 20.44 18.51 -3.38
N GLY A 187 20.10 19.55 -2.62
CA GLY A 187 20.43 19.57 -1.20
C GLY A 187 19.85 18.38 -0.45
N ARG A 188 18.56 18.11 -0.67
CA ARG A 188 17.93 16.98 0.02
C ARG A 188 18.55 15.66 -0.40
N VAL A 189 18.92 15.51 -1.67
CA VAL A 189 19.34 14.21 -2.17
C VAL A 189 20.79 13.91 -1.80
N ILE A 190 21.73 14.82 -2.12
CA ILE A 190 23.15 14.55 -1.91
C ILE A 190 23.79 15.45 -0.85
N GLY A 191 23.11 16.49 -0.40
CA GLY A 191 23.68 17.34 0.64
C GLY A 191 23.70 18.82 0.29
N ARG A 192 23.34 19.66 1.26
CA ARG A 192 23.28 21.11 1.04
C ARG A 192 24.59 21.64 0.47
N GLU A 193 25.72 21.05 0.86
CA GLU A 193 27.03 21.51 0.43
C GLU A 193 27.28 21.38 -1.07
N PHE A 194 26.39 20.71 -1.81
CA PHE A 194 26.55 20.55 -3.25
C PHE A 194 25.60 21.42 -4.06
N LYS A 195 24.77 22.22 -3.39
CA LYS A 195 23.76 23.01 -4.10
C LYS A 195 24.40 24.00 -5.07
N ASP A 196 25.49 24.64 -4.65
CA ASP A 196 26.12 25.70 -5.44
C ASP A 196 27.16 25.18 -6.41
N LYS A 197 27.28 23.87 -6.58
CA LYS A 197 28.11 23.28 -7.63
C LYS A 197 27.31 23.04 -8.91
N PHE A 198 26.02 23.37 -8.92
CA PHE A 198 25.17 23.17 -10.09
C PHE A 198 24.54 24.50 -10.51
N ILE A 199 24.44 24.69 -11.82
CA ILE A 199 23.71 25.82 -12.40
C ILE A 199 22.63 25.24 -13.30
N PHE A 200 21.37 25.55 -13.00
CA PHE A 200 20.24 24.99 -13.70
C PHE A 200 19.61 26.03 -14.62
N GLU A 201 19.22 25.59 -15.82
CA GLU A 201 18.70 26.45 -16.87
C GLU A 201 17.48 25.80 -17.50
N ILE A 202 16.42 26.57 -17.68
CA ILE A 202 15.31 26.14 -18.52
C ILE A 202 15.71 26.31 -19.98
N ARG A 203 15.48 25.28 -20.77
CA ARG A 203 15.62 25.36 -22.22
C ARG A 203 14.29 24.95 -22.84
N ASP A 204 14.23 24.98 -24.16
CA ASP A 204 13.01 24.56 -24.84
C ASP A 204 13.04 23.05 -25.07
N GLN A 205 11.92 22.52 -25.55
CA GLN A 205 11.88 21.12 -25.93
C GLN A 205 12.74 20.90 -27.17
N LEU A 206 13.17 19.66 -27.36
CA LEU A 206 13.92 19.25 -28.54
C LEU A 206 12.95 18.58 -29.51
N ASN A 207 12.49 19.36 -30.48
CA ASN A 207 11.54 18.88 -31.50
C ASN A 207 10.35 18.17 -30.86
N GLY A 208 9.73 18.83 -29.89
CA GLY A 208 8.52 18.33 -29.26
C GLY A 208 8.71 17.29 -28.17
N ASN A 209 9.95 17.02 -27.77
CA ASN A 209 10.25 16.00 -26.78
C ASN A 209 10.95 16.62 -25.58
N ASP A 210 10.66 16.06 -24.40
CA ASP A 210 11.38 16.47 -23.20
C ASP A 210 12.86 16.11 -23.34
N VAL A 211 13.72 16.98 -22.82
CA VAL A 211 15.16 16.90 -23.10
C VAL A 211 15.93 17.53 -21.95
N PHE A 212 17.15 17.04 -21.73
CA PHE A 212 18.05 17.67 -20.77
C PHE A 212 19.45 17.72 -21.33
N GLU A 213 20.26 18.61 -20.75
CA GLU A 213 21.66 18.78 -21.12
C GLU A 213 22.53 18.84 -19.87
N VAL A 214 23.69 18.21 -19.94
CA VAL A 214 24.68 18.26 -18.86
CA VAL A 214 24.68 18.23 -18.86
C VAL A 214 26.03 18.60 -19.48
N SER A 215 26.73 19.55 -18.87
CA SER A 215 28.00 20.04 -19.41
C SER A 215 28.73 20.84 -18.34
N ASP A 216 29.98 21.18 -18.65
CA ASP A 216 30.81 21.97 -17.75
C ASP A 216 30.52 23.45 -17.92
N SER A 217 30.47 24.16 -16.78
CA SER A 217 30.18 25.59 -16.80
C SER A 217 31.37 26.44 -17.24
N GLY A 218 32.59 25.92 -17.11
CA GLY A 218 33.81 26.67 -17.34
C GLY A 218 34.62 26.89 -16.08
N ASP A 219 33.97 26.99 -14.93
CA ASP A 219 34.64 27.27 -13.67
C ASP A 219 34.48 26.12 -12.67
N GLY A 220 34.36 24.90 -13.17
CA GLY A 220 34.27 23.75 -12.29
C GLY A 220 32.90 23.47 -11.70
N LYS A 221 31.84 24.09 -12.24
CA LYS A 221 30.48 23.79 -11.85
C LYS A 221 29.80 23.02 -12.98
N VAL A 222 28.71 22.33 -12.64
CA VAL A 222 28.00 21.48 -13.59
C VAL A 222 26.78 22.25 -14.09
N LEU A 223 26.70 22.44 -15.40
CA LEU A 223 25.59 23.14 -16.04
C LEU A 223 24.58 22.12 -16.56
N ILE A 224 23.36 22.19 -16.05
CA ILE A 224 22.29 21.26 -16.42
C ILE A 224 21.12 22.06 -16.97
N LYS A 225 20.69 21.71 -18.18
CA LYS A 225 19.51 22.31 -18.79
C LYS A 225 18.40 21.28 -18.91
N GLY A 226 17.18 21.79 -19.03
CA GLY A 226 16.00 20.94 -19.15
C GLY A 226 14.75 21.76 -19.42
N ASN A 227 13.79 21.19 -20.14
CA ASN A 227 12.62 21.95 -20.57
C ASN A 227 11.61 22.16 -19.45
N ASN A 228 11.70 21.40 -18.37
CA ASN A 228 10.88 21.63 -17.18
C ASN A 228 11.59 21.01 -15.98
N GLY A 229 10.91 20.98 -14.84
CA GLY A 229 11.56 20.53 -13.61
C GLY A 229 11.97 19.07 -13.66
N VAL A 230 11.15 18.22 -14.29
CA VAL A 230 11.44 16.80 -14.39
C VAL A 230 12.69 16.57 -15.22
N SER A 231 12.82 17.29 -16.32
CA SER A 231 14.00 17.10 -17.18
C SER A 231 15.27 17.58 -16.48
N LEU A 232 15.17 18.68 -15.74
CA LEU A 232 16.32 19.16 -14.98
C LEU A 232 16.78 18.14 -13.97
N ALA A 233 15.84 17.61 -13.18
CA ALA A 233 16.18 16.60 -12.18
C ALA A 233 16.70 15.32 -12.85
N SER A 234 16.16 14.96 -14.01
CA SER A 234 16.70 13.81 -14.73
C SER A 234 18.12 14.07 -15.23
N GLY A 235 18.47 15.33 -15.49
CA GLY A 235 19.82 15.67 -15.88
C GLY A 235 20.78 15.58 -14.70
N PHE A 236 20.31 16.09 -13.55
CA PHE A 236 21.03 15.91 -12.31
C PHE A 236 21.29 14.44 -12.03
N ASN A 237 20.25 13.61 -12.16
CA ASN A 237 20.41 12.18 -11.97
C ASN A 237 21.40 11.58 -12.97
N TYR A 238 21.29 11.98 -14.24
CA TYR A 238 22.21 11.47 -15.25
C TYR A 238 23.66 11.77 -14.86
N TYR A 239 23.92 12.98 -14.37
CA TYR A 239 25.28 13.36 -13.99
C TYR A 239 25.78 12.49 -12.83
N LEU A 240 24.95 12.31 -11.81
CA LEU A 240 25.33 11.49 -10.66
C LEU A 240 25.70 10.08 -11.11
N LYS A 241 24.88 9.49 -11.98
CA LYS A 241 25.06 8.09 -12.34
C LYS A 241 26.24 7.89 -13.29
N ASN A 242 26.51 8.85 -14.17
CA ASN A 242 27.51 8.62 -15.21
C ASN A 242 28.86 9.26 -14.90
N TYR A 243 28.93 10.18 -13.95
CA TYR A 243 30.18 10.82 -13.60
C TYR A 243 30.53 10.73 -12.13
N CYS A 244 29.59 10.41 -11.24
CA CYS A 244 29.87 10.35 -9.82
C CYS A 244 29.75 8.96 -9.23
N ASN A 245 29.40 7.95 -10.02
CA ASN A 245 29.19 6.59 -9.51
C ASN A 245 28.21 6.58 -8.35
N VAL A 246 27.21 7.45 -8.42
CA VAL A 246 26.24 7.64 -7.35
C VAL A 246 24.88 7.14 -7.83
N SER A 247 24.11 6.57 -6.90
CA SER A 247 22.82 5.97 -7.21
C SER A 247 21.84 6.35 -6.11
N TYR A 248 20.72 6.98 -6.47
CA TYR A 248 19.73 7.45 -5.52
C TYR A 248 18.49 6.57 -5.55
N ASN A 249 18.10 6.05 -4.39
CA ASN A 249 16.83 5.37 -4.23
C ASN A 249 16.42 5.44 -2.77
N PRO A 250 15.57 6.40 -2.40
CA PRO A 250 15.26 6.61 -0.98
C PRO A 250 14.45 5.48 -0.34
N ILE A 251 13.94 4.53 -1.13
CA ILE A 251 13.12 3.44 -0.60
C ILE A 251 13.91 2.15 -0.56
N MET A 252 14.81 1.96 -1.54
CA MET A 252 15.41 0.64 -1.75
C MET A 252 16.93 0.70 -1.82
N GLY A 253 17.55 1.65 -1.14
CA GLY A 253 19.00 1.66 -1.04
C GLY A 253 19.71 2.58 -1.99
N SER A 254 20.68 3.34 -1.48
CA SER A 254 21.41 4.34 -2.26
C SER A 254 22.90 4.21 -2.02
N ASN A 255 23.67 4.78 -2.95
CA ASN A 255 25.06 5.17 -2.72
C ASN A 255 25.17 6.64 -3.07
N LEU A 256 25.28 7.49 -2.05
CA LEU A 256 25.32 8.93 -2.24
C LEU A 256 26.70 9.52 -1.94
N LYS A 257 27.74 8.68 -1.89
CA LYS A 257 29.10 9.15 -1.63
C LYS A 257 29.61 9.94 -2.82
N MET A 258 29.75 11.28 -2.64
CA MET A 258 30.21 12.17 -3.70
C MET A 258 31.73 12.27 -3.69
N PRO A 259 32.34 12.42 -4.87
CA PRO A 259 33.79 12.65 -4.93
C PRO A 259 34.20 13.90 -4.17
N GLU A 260 35.48 13.96 -3.84
CA GLU A 260 36.02 15.15 -3.18
C GLU A 260 35.84 16.39 -4.04
N THR A 261 36.06 16.26 -5.35
CA THR A 261 35.86 17.35 -6.30
C THR A 261 34.86 16.92 -7.37
N MET A 262 34.03 17.87 -7.81
CA MET A 262 33.04 17.60 -8.85
C MET A 262 33.72 17.06 -10.10
N PRO A 263 33.37 15.87 -10.56
CA PRO A 263 33.93 15.36 -11.82
C PRO A 263 33.52 16.24 -12.99
N SER A 264 34.46 16.49 -13.89
CA SER A 264 34.15 17.29 -15.07
C SER A 264 33.37 16.45 -16.08
N VAL A 265 32.47 17.11 -16.81
CA VAL A 265 31.62 16.40 -17.74
C VAL A 265 32.39 16.01 -19.00
N GLY A 266 33.25 16.90 -19.47
CA GLY A 266 33.89 16.67 -20.76
C GLY A 266 32.98 17.12 -21.87
N GLU A 267 32.80 16.26 -22.87
CA GLU A 267 31.96 16.59 -24.01
C GLU A 267 30.50 16.71 -23.56
N ARG A 268 29.85 17.81 -23.95
CA ARG A 268 28.49 18.08 -23.52
C ARG A 268 27.55 16.97 -23.97
N VAL A 269 26.46 16.80 -23.23
CA VAL A 269 25.51 15.73 -23.47
C VAL A 269 24.12 16.34 -23.63
N VAL A 270 23.40 15.87 -24.65
CA VAL A 270 22.00 16.22 -24.87
C VAL A 270 21.23 14.92 -25.04
N ILE A 271 20.20 14.71 -24.23
CA ILE A 271 19.44 13.46 -24.22
C ILE A 271 17.96 13.80 -24.10
N ASP A 272 17.14 13.22 -24.97
CA ASP A 272 15.71 13.45 -24.92
C ASP A 272 14.97 12.13 -24.79
N THR A 273 13.66 12.23 -24.62
CA THR A 273 12.80 11.06 -24.54
C THR A 273 11.68 11.18 -25.55
N PRO A 274 11.40 10.12 -26.31
CA PRO A 274 10.26 10.15 -27.24
C PRO A 274 8.90 9.99 -26.58
N TYR A 275 8.83 9.83 -25.27
CA TYR A 275 7.58 9.55 -24.57
C TYR A 275 7.01 10.81 -23.97
N GLU A 276 5.75 11.11 -24.31
CA GLU A 276 5.10 12.26 -23.69
C GLU A 276 4.94 12.05 -22.19
N HIS A 277 4.67 10.82 -21.77
CA HIS A 277 4.40 10.53 -20.37
C HIS A 277 5.33 9.44 -19.87
N ARG A 278 5.78 9.61 -18.63
CA ARG A 278 6.42 8.56 -17.85
C ARG A 278 5.60 8.43 -16.58
N TYR A 279 4.91 7.29 -16.43
CA TYR A 279 3.82 7.15 -15.47
C TYR A 279 4.25 6.32 -14.27
N ALA A 280 3.67 6.64 -13.10
CA ALA A 280 3.95 5.86 -11.89
C ALA A 280 2.68 5.70 -11.07
N LEU A 281 2.54 4.49 -10.50
CA LEU A 281 1.71 4.12 -9.35
C LEU A 281 0.47 3.33 -9.74
N ASN A 282 0.18 2.31 -8.94
CA ASN A 282 -1.08 1.58 -8.93
C ASN A 282 -1.97 2.18 -7.84
N PHE A 283 -3.28 2.05 -8.02
CA PHE A 283 -4.17 2.34 -6.90
C PHE A 283 -3.70 1.57 -5.68
N CYS A 284 -3.28 0.32 -5.88
CA CYS A 284 -2.82 -0.54 -4.79
C CYS A 284 -1.60 0.03 -4.08
N THR A 285 -0.74 0.79 -4.78
CA THR A 285 0.43 1.33 -4.10
C THR A 285 0.04 2.25 -2.94
N TYR A 286 -1.08 2.97 -3.08
CA TYR A 286 -1.53 3.85 -2.01
C TYR A 286 -1.91 3.09 -0.74
N SER A 287 -2.06 1.77 -0.82
CA SER A 287 -2.37 0.96 0.36
C SER A 287 -1.20 0.08 0.78
N TYR A 288 -0.69 -0.76 -0.12
CA TYR A 288 0.36 -1.69 0.27
C TYR A 288 1.66 -0.99 0.66
N THR A 289 1.87 0.25 0.22
CA THR A 289 3.09 0.98 0.49
C THR A 289 2.86 2.32 1.18
N MET A 290 2.01 3.17 0.62
CA MET A 290 1.95 4.58 0.96
C MET A 290 0.90 4.91 2.02
N SER A 291 0.25 3.91 2.62
CA SER A 291 -0.88 4.15 3.52
C SER A 291 -0.55 5.15 4.61
N PHE A 292 0.62 5.01 5.24
CA PHE A 292 0.96 5.78 6.43
C PHE A 292 2.11 6.76 6.18
N TRP A 293 2.38 7.07 4.92
CA TRP A 293 3.44 8.02 4.56
C TRP A 293 3.13 9.40 5.10
N ASP A 294 4.17 10.09 5.58
CA ASP A 294 4.07 11.51 5.90
C ASP A 294 4.61 12.32 4.72
N TRP A 295 4.58 13.65 4.87
CA TRP A 295 5.04 14.51 3.78
C TRP A 295 6.51 14.26 3.48
N ASP A 296 7.32 14.01 4.51
CA ASP A 296 8.73 13.69 4.31
C ASP A 296 8.90 12.54 3.31
N GLN A 297 8.07 11.50 3.42
CA GLN A 297 8.21 10.37 2.51
C GLN A 297 7.65 10.68 1.12
N TYR A 298 6.61 11.52 1.03
CA TYR A 298 6.11 11.92 -0.28
C TYR A 298 7.13 12.79 -1.02
N GLU A 299 7.78 13.71 -0.29
CA GLU A 299 8.78 14.57 -0.90
C GLU A 299 9.92 13.75 -1.51
N GLU A 300 10.46 12.81 -0.71
CA GLU A 300 11.49 11.90 -1.21
C GLU A 300 11.04 11.20 -2.48
N PHE A 301 9.84 10.60 -2.44
CA PHE A 301 9.32 9.88 -3.59
C PHE A 301 9.24 10.77 -4.82
N LEU A 302 8.82 12.02 -4.63
CA LEU A 302 8.74 12.94 -5.77
C LEU A 302 10.13 13.34 -6.26
N ASP A 303 11.06 13.61 -5.35
CA ASP A 303 12.45 13.81 -5.76
C ASP A 303 12.93 12.65 -6.62
N TRP A 304 12.68 11.43 -6.16
CA TRP A 304 13.09 10.25 -6.91
C TRP A 304 12.33 10.13 -8.23
N CYS A 305 11.04 10.46 -8.23
CA CYS A 305 10.25 10.44 -9.47
C CYS A 305 10.83 11.39 -10.51
N ALA A 306 11.01 12.65 -10.13
CA ALA A 306 11.55 13.64 -11.07
C ALA A 306 12.92 13.22 -11.57
N MET A 307 13.75 12.66 -10.69
CA MET A 307 15.08 12.23 -11.11
C MET A 307 15.02 11.07 -12.10
N ASN A 308 13.99 10.25 -12.01
CA ASN A 308 13.84 9.12 -12.92
C ASN A 308 12.98 9.46 -14.14
N GLY A 309 12.65 10.73 -14.33
CA GLY A 309 11.91 11.17 -15.51
C GLY A 309 10.42 11.08 -15.42
N VAL A 310 9.86 10.81 -14.23
CA VAL A 310 8.42 10.61 -14.06
C VAL A 310 7.71 11.96 -14.18
N ASN A 311 6.60 11.99 -14.94
CA ASN A 311 5.82 13.21 -15.08
C ASN A 311 4.32 12.98 -15.05
N LEU A 312 3.86 11.79 -14.66
CA LEU A 312 2.43 11.48 -14.59
C LEU A 312 2.26 10.49 -13.45
N VAL A 313 1.47 10.88 -12.44
CA VAL A 313 1.44 10.16 -11.17
C VAL A 313 0.00 10.10 -10.67
N LEU A 314 -0.51 8.88 -10.47
CA LEU A 314 -1.83 8.70 -9.85
C LEU A 314 -1.87 9.36 -8.47
N ASP A 315 -2.96 10.05 -8.19
CA ASP A 315 -3.04 10.88 -6.99
C ASP A 315 -4.46 10.82 -6.43
N ILE A 316 -4.62 10.15 -5.29
CA ILE A 316 -5.89 10.03 -4.60
C ILE A 316 -5.86 10.67 -3.21
N ILE A 317 -4.79 11.41 -2.90
CA ILE A 317 -4.65 12.03 -1.58
C ILE A 317 -5.75 13.04 -1.36
N GLY A 318 -6.42 12.94 -0.20
CA GLY A 318 -7.46 13.86 0.14
C GLY A 318 -8.78 13.66 -0.58
N GLN A 319 -8.90 12.61 -1.40
CA GLN A 319 -10.13 12.38 -2.12
C GLN A 319 -11.31 12.13 -1.19
N GLU A 320 -11.04 11.83 0.08
CA GLU A 320 -12.14 11.62 1.03
C GLU A 320 -12.92 12.91 1.25
N GLU A 321 -12.22 14.04 1.32
CA GLU A 321 -12.91 15.33 1.46
C GLU A 321 -13.72 15.65 0.21
N VAL A 322 -13.21 15.27 -0.97
CA VAL A 322 -13.97 15.47 -2.20
C VAL A 322 -15.26 14.67 -2.16
N LEU A 323 -15.19 13.42 -1.71
CA LEU A 323 -16.39 12.60 -1.65
C LEU A 323 -17.34 13.05 -0.54
N ARG A 324 -16.80 13.54 0.59
CA ARG A 324 -17.64 14.05 1.65
C ARG A 324 -18.50 15.20 1.16
N ARG A 325 -17.87 16.22 0.57
CA ARG A 325 -18.61 17.35 0.01
C ARG A 325 -19.67 16.88 -0.98
N THR A 326 -19.32 15.88 -1.80
CA THR A 326 -20.23 15.40 -2.82
C THR A 326 -21.43 14.70 -2.19
N LEU A 327 -21.18 13.78 -1.25
CA LEU A 327 -22.30 13.03 -0.68
C LEU A 327 -23.13 13.87 0.27
N ASN A 328 -22.52 14.90 0.89
CA ASN A 328 -23.29 15.83 1.71
C ASN A 328 -24.41 16.50 0.92
N GLU A 329 -24.27 16.61 -0.40
CA GLU A 329 -25.30 17.24 -1.22
C GLU A 329 -26.42 16.28 -1.59
N PHE A 330 -26.38 15.04 -1.09
CA PHE A 330 -27.35 14.02 -1.47
C PHE A 330 -27.82 13.25 -0.24
N GLY A 331 -27.96 13.95 0.88
CA GLY A 331 -28.61 13.41 2.05
C GLY A 331 -27.72 12.66 3.02
N TYR A 332 -26.41 12.76 2.89
CA TYR A 332 -25.48 12.05 3.75
C TYR A 332 -24.85 13.01 4.76
N SER A 333 -24.99 12.69 6.04
CA SER A 333 -24.25 13.40 7.06
C SER A 333 -22.78 12.98 7.02
N ASP A 334 -21.94 13.77 7.71
CA ASP A 334 -20.53 13.43 7.81
C ASP A 334 -20.35 12.04 8.41
N GLU A 335 -21.11 11.71 9.46
CA GLU A 335 -20.99 10.41 10.08
C GLU A 335 -21.30 9.28 9.10
N GLU A 336 -22.29 9.48 8.24
CA GLU A 336 -22.63 8.45 7.25
C GLU A 336 -21.55 8.33 6.18
N VAL A 337 -20.94 9.45 5.80
CA VAL A 337 -19.83 9.40 4.85
C VAL A 337 -18.68 8.60 5.44
N LYS A 338 -18.35 8.83 6.71
CA LYS A 338 -17.24 8.11 7.34
C LYS A 338 -17.51 6.61 7.42
N GLU A 339 -18.77 6.22 7.57
CA GLU A 339 -19.11 4.79 7.54
C GLU A 339 -18.95 4.23 6.13
N PHE A 340 -19.21 5.05 5.11
CA PHE A 340 -19.06 4.58 3.73
C PHE A 340 -17.59 4.41 3.36
N ILE A 341 -16.78 5.43 3.60
CA ILE A 341 -15.35 5.38 3.28
C ILE A 341 -14.66 4.31 4.14
N SER A 342 -13.63 3.68 3.57
CA SER A 342 -12.87 2.64 4.24
C SER A 342 -11.88 3.24 5.23
N GLY A 343 -11.06 2.37 5.84
CA GLY A 343 -9.96 2.81 6.67
C GLY A 343 -8.77 3.23 5.85
N PRO A 344 -7.71 3.68 6.53
CA PRO A 344 -6.59 4.31 5.81
C PRO A 344 -5.71 3.36 5.02
N ALA A 345 -5.80 2.05 5.26
CA ALA A 345 -4.99 1.09 4.53
C ALA A 345 -5.78 0.42 3.40
N TYR A 346 -6.95 0.94 3.05
CA TYR A 346 -7.80 0.27 2.08
C TYR A 346 -8.32 1.21 0.98
N PHE A 347 -7.73 2.41 0.84
CA PHE A 347 -8.22 3.34 -0.16
C PHE A 347 -8.07 2.80 -1.59
N ALA A 348 -7.10 1.91 -1.81
CA ALA A 348 -6.93 1.35 -3.14
C ALA A 348 -8.19 0.67 -3.64
N TRP A 349 -8.83 -0.11 -2.79
CA TRP A 349 -10.00 -0.85 -3.19
C TRP A 349 -11.30 -0.12 -2.91
N PHE A 350 -11.27 0.90 -2.05
CA PHE A 350 -12.42 1.81 -1.96
C PHE A 350 -12.60 2.57 -3.26
N TYR A 351 -11.54 3.21 -3.76
CA TYR A 351 -11.69 4.03 -4.95
C TYR A 351 -11.79 3.21 -6.23
N MET A 352 -11.36 1.96 -6.22
CA MET A 352 -11.64 1.05 -7.33
C MET A 352 -12.99 0.37 -7.19
N GLN A 353 -13.81 0.84 -6.24
CA GLN A 353 -15.21 0.44 -6.08
C GLN A 353 -15.37 -1.04 -5.71
N ASN A 354 -14.41 -1.59 -4.95
CA ASN A 354 -14.43 -2.99 -4.56
C ASN A 354 -14.94 -3.22 -3.15
N MET A 355 -14.90 -2.21 -2.29
CA MET A 355 -15.21 -2.42 -0.87
C MET A 355 -15.49 -1.09 -0.22
N THR A 356 -16.25 -1.13 0.88
CA THR A 356 -16.61 0.06 1.63
C THR A 356 -16.38 -0.18 3.12
N GLY A 357 -16.23 0.93 3.85
CA GLY A 357 -16.29 0.91 5.31
C GLY A 357 -15.17 0.25 6.09
N PHE A 358 -14.68 -0.91 5.63
CA PHE A 358 -13.78 -1.71 6.46
C PHE A 358 -12.52 -0.94 6.83
N GLY A 359 -12.19 -0.98 8.13
CA GLY A 359 -11.07 -0.23 8.66
C GLY A 359 -11.41 1.14 9.19
N GLY A 360 -12.57 1.67 8.86
CA GLY A 360 -13.01 2.95 9.37
C GLY A 360 -13.81 2.80 10.65
N PRO A 361 -14.46 3.88 11.10
CA PRO A 361 -14.45 5.19 10.44
C PRO A 361 -13.16 6.00 10.66
N LEU A 362 -12.82 6.80 9.65
CA LEU A 362 -11.71 7.73 9.77
C LEU A 362 -12.04 8.79 10.83
N PRO A 363 -11.03 9.40 11.44
CA PRO A 363 -11.30 10.46 12.41
C PRO A 363 -11.76 11.74 11.72
N ASN A 364 -12.43 12.60 12.49
CA ASN A 364 -12.97 13.83 11.92
C ASN A 364 -11.87 14.70 11.32
N ASP A 365 -10.72 14.82 12.02
CA ASP A 365 -9.64 15.66 11.53
C ASP A 365 -8.93 15.07 10.31
N TRP A 366 -9.29 13.85 9.90
CA TRP A 366 -8.68 13.25 8.71
C TRP A 366 -8.83 14.15 7.50
N PHE A 367 -10.00 14.77 7.34
CA PHE A 367 -10.35 15.37 6.06
C PHE A 367 -9.52 16.62 5.76
N GLU A 368 -9.41 17.53 6.72
CA GLU A 368 -8.62 18.74 6.47
C GLU A 368 -7.14 18.43 6.31
N GLN A 369 -6.60 17.55 7.15
CA GLN A 369 -5.19 17.19 7.06
C GLN A 369 -4.84 16.62 5.69
N ARG A 370 -5.69 15.73 5.17
CA ARG A 370 -5.38 15.09 3.89
C ARG A 370 -5.61 16.03 2.72
N ALA A 371 -6.59 16.94 2.81
CA ALA A 371 -6.73 17.94 1.77
C ALA A 371 -5.50 18.84 1.72
N GLU A 372 -4.94 19.15 2.89
CA GLU A 372 -3.75 19.97 2.96
C GLU A 372 -2.53 19.22 2.43
N LEU A 373 -2.41 17.94 2.77
CA LEU A 373 -1.35 17.13 2.18
C LEU A 373 -1.44 17.13 0.66
N GLY A 374 -2.66 16.97 0.13
CA GLY A 374 -2.83 16.99 -1.32
C GLY A 374 -2.45 18.32 -1.95
N ARG A 375 -2.85 19.43 -1.32
CA ARG A 375 -2.49 20.74 -1.85
C ARG A 375 -0.98 20.95 -1.82
N LYS A 376 -0.34 20.52 -0.73
CA LYS A 376 1.12 20.55 -0.64
C LYS A 376 1.76 19.82 -1.82
N MET A 377 1.21 18.67 -2.19
CA MET A 377 1.82 17.86 -3.23
C MET A 377 1.62 18.46 -4.61
N HIS A 378 0.47 19.10 -4.85
CA HIS A 378 0.23 19.69 -6.15
C HIS A 378 1.14 20.90 -6.39
N ASP A 379 1.45 21.63 -5.32
CA ASP A 379 2.42 22.72 -5.42
C ASP A 379 3.79 22.19 -5.86
N ARG A 380 4.25 21.12 -5.20
CA ARG A 380 5.55 20.53 -5.57
C ARG A 380 5.51 19.92 -6.96
N MET A 381 4.42 19.21 -7.29
CA MET A 381 4.28 18.64 -8.63
C MET A 381 4.26 19.73 -9.69
N GLN A 382 3.59 20.85 -9.40
CA GLN A 382 3.58 21.97 -10.34
C GLN A 382 4.98 22.53 -10.54
N SER A 383 5.75 22.67 -9.45
CA SER A 383 7.12 23.14 -9.57
C SER A 383 7.93 22.24 -10.50
N PHE A 384 7.74 20.92 -10.39
CA PHE A 384 8.49 19.96 -11.18
C PHE A 384 7.93 19.77 -12.58
N GLY A 385 6.66 20.09 -12.80
CA GLY A 385 6.01 19.72 -14.04
C GLY A 385 5.48 18.30 -14.06
N ILE A 386 5.15 17.75 -12.90
CA ILE A 386 4.56 16.42 -12.80
C ILE A 386 3.04 16.56 -12.80
N ASN A 387 2.38 15.83 -13.70
CA ASN A 387 0.93 15.85 -13.78
C ASN A 387 0.34 14.84 -12.80
N PRO A 388 -0.49 15.24 -11.86
CA PRO A 388 -1.25 14.26 -11.09
C PRO A 388 -2.39 13.72 -11.93
N VAL A 389 -2.81 12.50 -11.62
CA VAL A 389 -4.05 11.95 -12.17
C VAL A 389 -5.08 12.00 -11.05
N LEU A 390 -6.02 12.93 -11.16
CA LEU A 390 -7.07 13.06 -10.14
C LEU A 390 -8.16 12.04 -10.44
N GLN A 391 -9.37 12.26 -9.91
CA GLN A 391 -10.44 11.29 -9.98
C GLN A 391 -11.46 11.65 -11.05
N GLY A 392 -11.81 10.67 -11.87
CA GLY A 392 -13.04 10.72 -12.63
C GLY A 392 -14.20 10.19 -11.81
N TYR A 393 -15.40 10.26 -12.39
CA TYR A 393 -16.59 9.75 -11.71
C TYR A 393 -17.38 8.87 -12.67
N SER A 394 -17.79 7.70 -12.20
CA SER A 394 -18.49 6.73 -13.03
C SER A 394 -19.84 6.29 -12.46
N GLY A 395 -20.22 6.76 -11.27
CA GLY A 395 -21.52 6.42 -10.72
C GLY A 395 -21.52 5.74 -9.37
N MET A 396 -20.33 5.62 -8.76
CA MET A 396 -20.21 5.01 -7.44
C MET A 396 -21.07 5.75 -6.43
N VAL A 397 -21.89 5.00 -5.68
CA VAL A 397 -22.67 5.56 -4.56
C VAL A 397 -22.81 4.49 -3.47
N PRO A 398 -23.13 4.88 -2.24
CA PRO A 398 -23.44 3.87 -1.21
C PRO A 398 -24.71 3.11 -1.54
N ARG A 399 -24.85 1.95 -0.89
CA ARG A 399 -25.96 1.04 -1.17
C ARG A 399 -27.32 1.60 -0.76
N ASP A 400 -27.35 2.57 0.14
CA ASP A 400 -28.60 3.18 0.57
C ASP A 400 -28.89 4.48 -0.18
N PHE A 401 -28.30 4.68 -1.36
CA PHE A 401 -28.44 5.95 -2.06
C PHE A 401 -29.88 6.20 -2.47
N LYS A 402 -30.62 5.14 -2.81
CA LYS A 402 -32.02 5.31 -3.21
C LYS A 402 -32.89 5.65 -2.01
N GLU A 403 -32.63 5.02 -0.86
CA GLU A 403 -33.35 5.37 0.36
C GLU A 403 -33.32 6.86 0.59
N LYS A 404 -32.18 7.49 0.36
CA LYS A 404 -32.01 8.91 0.58
C LYS A 404 -32.40 9.74 -0.64
N ASN A 405 -32.32 9.16 -1.85
CA ASN A 405 -32.66 9.86 -3.09
C ASN A 405 -33.58 8.94 -3.89
N GLN A 406 -34.88 9.04 -3.62
CA GLN A 406 -35.84 8.03 -4.06
C GLN A 406 -35.97 7.96 -5.59
N GLU A 407 -35.70 9.06 -6.29
CA GLU A 407 -35.81 9.05 -7.74
C GLU A 407 -34.54 8.58 -8.44
N ALA A 408 -33.48 8.27 -7.69
CA ALA A 408 -32.26 7.77 -8.29
C ALA A 408 -32.43 6.31 -8.73
N GLN A 409 -31.75 5.96 -9.81
CA GLN A 409 -31.73 4.61 -10.35
C GLN A 409 -30.32 4.05 -10.18
N THR A 410 -30.21 2.90 -9.49
CA THR A 410 -28.91 2.30 -9.20
C THR A 410 -28.87 0.84 -9.65
N ILE A 411 -27.65 0.32 -9.71
CA ILE A 411 -27.37 -1.07 -10.05
C ILE A 411 -26.54 -1.67 -8.93
N SER A 412 -27.06 -2.72 -8.31
CA SER A 412 -26.30 -3.44 -7.29
C SER A 412 -25.08 -4.11 -7.93
N GLN A 413 -23.91 -3.89 -7.34
CA GLN A 413 -22.66 -4.43 -7.87
C GLN A 413 -22.26 -5.75 -7.24
N GLY A 414 -22.99 -6.23 -6.24
CA GLY A 414 -22.67 -7.51 -5.65
C GLY A 414 -21.42 -7.46 -4.80
N GLY A 415 -20.76 -8.62 -4.70
CA GLY A 415 -19.64 -8.78 -3.79
C GLY A 415 -18.28 -8.80 -4.48
N TRP A 416 -17.26 -8.52 -3.67
CA TRP A 416 -15.86 -8.63 -4.08
C TRP A 416 -15.10 -9.18 -2.88
N CYS A 417 -14.60 -10.41 -3.00
CA CYS A 417 -13.85 -11.09 -1.95
C CYS A 417 -14.56 -10.99 -0.59
N GLY A 418 -15.88 -11.17 -0.60
CA GLY A 418 -16.63 -11.11 0.64
C GLY A 418 -16.96 -9.73 1.14
N PHE A 419 -16.51 -8.67 0.45
CA PHE A 419 -16.93 -7.31 0.77
C PHE A 419 -18.13 -6.94 -0.10
N ASP A 420 -18.96 -6.05 0.41
CA ASP A 420 -20.07 -5.49 -0.36
C ASP A 420 -19.55 -4.35 -1.23
N ARG A 421 -19.60 -4.53 -2.55
CA ARG A 421 -19.24 -3.43 -3.42
C ARG A 421 -20.25 -2.30 -3.26
N PRO A 422 -19.83 -1.05 -3.45
CA PRO A 422 -20.81 0.03 -3.49
C PRO A 422 -21.75 -0.14 -4.68
N ASP A 423 -22.87 0.56 -4.62
CA ASP A 423 -23.78 0.59 -5.77
C ASP A 423 -23.18 1.44 -6.88
N MET A 424 -23.78 1.34 -8.06
CA MET A 424 -23.43 2.16 -9.21
C MET A 424 -24.70 2.80 -9.76
N LEU A 425 -24.68 4.12 -9.91
CA LEU A 425 -25.78 4.80 -10.57
C LEU A 425 -25.91 4.32 -12.01
N LYS A 426 -27.15 4.13 -12.46
CA LYS A 426 -27.38 3.86 -13.87
C LYS A 426 -26.83 5.01 -14.70
N THR A 427 -25.91 4.70 -15.62
CA THR A 427 -25.19 5.74 -16.33
C THR A 427 -26.12 6.58 -17.20
N TYR A 428 -27.27 6.04 -17.57
CA TYR A 428 -28.32 6.77 -18.28
C TYR A 428 -29.64 6.10 -17.93
N VAL A 429 -30.73 6.85 -18.06
CA VAL A 429 -32.05 6.38 -17.66
C VAL A 429 -33.03 6.62 -18.80
N ASN A 430 -34.29 6.28 -18.56
CA ASN A 430 -35.33 6.52 -19.53
C ASN A 430 -35.83 7.96 -19.44
N GLU A 431 -36.51 8.40 -20.51
CA GLU A 431 -37.21 9.67 -20.43
C GLU A 431 -38.29 9.57 -19.36
N GLY A 432 -38.49 10.66 -18.62
CA GLY A 432 -39.37 10.65 -17.48
C GLY A 432 -38.70 10.25 -16.17
N GLU A 433 -37.51 9.66 -16.23
CA GLU A 433 -36.76 9.27 -15.04
C GLU A 433 -35.69 10.32 -14.75
N ALA A 434 -35.38 10.48 -13.46
CA ALA A 434 -34.33 11.40 -13.05
C ALA A 434 -32.96 10.78 -13.33
N ASP A 435 -32.02 11.60 -13.80
CA ASP A 435 -30.68 11.15 -14.15
C ASP A 435 -29.73 11.60 -13.04
N TYR A 436 -29.62 10.77 -12.01
CA TYR A 436 -28.75 11.10 -10.89
C TYR A 436 -27.27 10.89 -11.20
N PHE A 437 -26.93 10.16 -12.26
CA PHE A 437 -25.53 10.19 -12.69
C PHE A 437 -25.12 11.60 -13.09
N GLN A 438 -25.93 12.27 -13.91
CA GLN A 438 -25.64 13.65 -14.29
C GLN A 438 -25.59 14.55 -13.06
N LYS A 439 -26.56 14.39 -12.16
CA LYS A 439 -26.60 15.21 -10.94
C LYS A 439 -25.35 15.02 -10.09
N VAL A 440 -25.02 13.78 -9.76
CA VAL A 440 -23.93 13.52 -8.83
C VAL A 440 -22.58 13.77 -9.50
N ALA A 441 -22.45 13.41 -10.77
CA ALA A 441 -21.19 13.65 -11.47
C ALA A 441 -20.88 15.14 -11.56
N ASP A 442 -21.90 15.96 -11.82
CA ASP A 442 -21.71 17.40 -11.84
C ASP A 442 -21.17 17.89 -10.50
N VAL A 443 -21.77 17.44 -9.40
CA VAL A 443 -21.31 17.86 -8.08
C VAL A 443 -19.92 17.32 -7.80
N PHE A 444 -19.64 16.07 -8.20
CA PHE A 444 -18.34 15.48 -7.87
C PHE A 444 -17.20 16.28 -8.48
N TYR A 445 -17.28 16.58 -9.77
CA TYR A 445 -16.22 17.35 -10.41
C TYR A 445 -16.12 18.75 -9.83
N GLU A 446 -17.27 19.35 -9.52
CA GLU A 446 -17.27 20.70 -8.93
C GLU A 446 -16.64 20.69 -7.54
N LYS A 447 -16.94 19.67 -6.74
CA LYS A 447 -16.35 19.61 -5.41
C LYS A 447 -14.86 19.28 -5.47
N GLN A 448 -14.42 18.53 -6.48
CA GLN A 448 -13.01 18.26 -6.64
C GLN A 448 -12.23 19.54 -6.93
N LYS A 449 -12.79 20.42 -7.77
CA LYS A 449 -12.19 21.74 -7.97
C LYS A 449 -12.14 22.52 -6.66
N GLU A 450 -13.26 22.53 -5.92
CA GLU A 450 -13.32 23.25 -4.66
C GLU A 450 -12.19 22.84 -3.73
N VAL A 451 -11.83 21.56 -3.73
CA VAL A 451 -10.82 21.07 -2.79
C VAL A 451 -9.41 21.39 -3.29
N PHE A 452 -9.14 21.15 -4.58
CA PHE A 452 -7.78 21.23 -5.09
C PHE A 452 -7.57 22.27 -6.19
N GLY A 453 -8.63 22.80 -6.78
CA GLY A 453 -8.46 23.71 -7.91
C GLY A 453 -8.15 22.95 -9.19
N ASP A 454 -7.83 23.73 -10.23
CA ASP A 454 -7.51 23.16 -11.54
C ASP A 454 -6.04 22.80 -11.55
N VAL A 455 -5.73 21.56 -11.18
CA VAL A 455 -4.35 21.11 -11.09
C VAL A 455 -3.96 20.15 -12.21
N THR A 456 -4.91 19.60 -12.95
CA THR A 456 -4.58 18.62 -13.98
C THR A 456 -5.71 18.49 -14.98
N ASN A 457 -5.38 17.89 -16.12
CA ASN A 457 -6.35 17.45 -17.12
C ASN A 457 -6.53 15.94 -17.14
N PHE A 458 -5.82 15.20 -16.30
CA PHE A 458 -5.86 13.75 -16.33
C PHE A 458 -6.70 13.24 -15.16
N TYR A 459 -7.66 12.37 -15.47
CA TYR A 459 -8.63 11.88 -14.49
C TYR A 459 -8.75 10.35 -14.62
N GLY A 460 -8.72 9.66 -13.49
CA GLY A 460 -8.74 8.22 -13.45
C GLY A 460 -10.00 7.69 -12.80
N VAL A 461 -10.68 6.77 -13.47
CA VAL A 461 -11.82 6.06 -12.92
C VAL A 461 -11.99 4.76 -13.68
N ASP A 462 -12.43 3.71 -12.97
CA ASP A 462 -12.43 2.34 -13.49
C ASP A 462 -13.68 1.61 -13.04
N PRO A 463 -14.83 1.88 -13.67
CA PRO A 463 -16.04 1.12 -13.36
C PRO A 463 -15.86 -0.35 -13.70
N PHE A 464 -16.52 -1.21 -12.92
CA PHE A 464 -16.50 -2.65 -13.12
C PHE A 464 -15.08 -3.23 -13.01
N HIS A 465 -14.29 -2.68 -12.10
CA HIS A 465 -12.95 -3.21 -11.87
C HIS A 465 -13.06 -4.54 -11.12
N GLU A 466 -12.71 -5.63 -11.79
CA GLU A 466 -12.69 -6.97 -11.19
C GLU A 466 -14.09 -7.43 -10.80
N GLY A 467 -15.10 -6.98 -11.51
CA GLY A 467 -16.45 -7.44 -11.25
C GLY A 467 -17.50 -6.37 -11.47
N GLY A 468 -18.43 -6.27 -10.54
CA GLY A 468 -19.56 -5.38 -10.75
C GLY A 468 -20.60 -5.99 -11.66
N ASN A 469 -21.53 -5.14 -12.09
CA ASN A 469 -22.67 -5.58 -12.88
C ASN A 469 -23.12 -4.44 -13.78
N THR A 470 -23.16 -4.68 -15.09
CA THR A 470 -23.61 -3.67 -16.02
C THR A 470 -25.13 -3.59 -16.13
N GLY A 471 -25.87 -4.44 -15.42
CA GLY A 471 -27.32 -4.37 -15.44
C GLY A 471 -27.88 -4.55 -16.83
N ASP A 472 -28.89 -3.72 -17.15
CA ASP A 472 -29.47 -3.68 -18.49
C ASP A 472 -28.70 -2.78 -19.44
N LEU A 473 -27.63 -2.13 -18.99
CA LEU A 473 -26.99 -1.06 -19.72
C LEU A 473 -26.11 -1.60 -20.85
N ASP A 474 -25.89 -0.74 -21.85
CA ASP A 474 -25.02 -1.03 -22.98
C ASP A 474 -23.59 -0.62 -22.64
N ASN A 475 -22.66 -1.56 -22.79
CA ASN A 475 -21.27 -1.34 -22.38
C ASN A 475 -20.68 -0.08 -23.02
N GLY A 476 -20.84 0.06 -24.34
CA GLY A 476 -20.23 1.18 -25.04
C GLY A 476 -20.81 2.52 -24.63
N LYS A 477 -22.15 2.59 -24.53
CA LYS A 477 -22.81 3.82 -24.10
C LYS A 477 -22.32 4.27 -22.73
N ILE A 478 -22.10 3.30 -21.82
CA ILE A 478 -21.59 3.63 -20.49
C ILE A 478 -20.31 4.44 -20.59
N TYR A 479 -19.35 3.96 -21.38
CA TYR A 479 -18.08 4.67 -21.51
C TYR A 479 -18.22 5.94 -22.32
N GLU A 480 -19.16 5.99 -23.27
CA GLU A 480 -19.42 7.23 -24.00
C GLU A 480 -19.86 8.32 -23.04
N ILE A 481 -20.80 8.01 -22.15
CA ILE A 481 -21.38 9.04 -21.29
C ILE A 481 -20.39 9.47 -20.20
N ILE A 482 -19.64 8.51 -19.65
CA ILE A 482 -18.68 8.86 -18.60
C ILE A 482 -17.62 9.81 -19.15
N GLN A 483 -17.12 9.53 -20.35
CA GLN A 483 -16.13 10.41 -20.95
C GLN A 483 -16.72 11.78 -21.26
N ASN A 484 -17.93 11.82 -21.82
CA ASN A 484 -18.55 13.09 -22.18
C ASN A 484 -18.76 13.96 -20.94
N LYS A 485 -19.20 13.34 -19.84
CA LYS A 485 -19.37 14.09 -18.60
C LYS A 485 -18.05 14.62 -18.08
N MET A 486 -16.98 13.85 -18.24
CA MET A 486 -15.65 14.30 -17.83
C MET A 486 -15.21 15.51 -18.66
N ILE A 487 -15.37 15.42 -19.97
CA ILE A 487 -14.99 16.51 -20.87
C ILE A 487 -15.88 17.74 -20.64
N GLU A 488 -17.12 17.53 -20.23
CA GLU A 488 -18.01 18.65 -19.93
C GLU A 488 -17.45 19.55 -18.84
N HIS A 489 -16.81 18.96 -17.83
CA HIS A 489 -16.26 19.74 -16.73
C HIS A 489 -14.78 20.10 -16.92
N ASP A 490 -14.11 19.48 -17.89
CA ASP A 490 -12.76 19.87 -18.28
C ASP A 490 -12.62 19.54 -19.77
N ASN A 491 -12.68 20.59 -20.62
CA ASN A 491 -12.66 20.35 -22.06
C ASN A 491 -11.39 19.66 -22.53
N ASP A 492 -10.30 19.78 -21.78
CA ASP A 492 -9.05 19.11 -22.14
C ASP A 492 -8.84 17.81 -21.38
N ALA A 493 -9.90 17.22 -20.83
CA ALA A 493 -9.74 16.07 -19.95
C ALA A 493 -9.25 14.85 -20.73
N VAL A 494 -8.38 14.07 -20.09
CA VAL A 494 -7.97 12.76 -20.59
C VAL A 494 -8.35 11.73 -19.54
N TRP A 495 -9.21 10.78 -19.91
CA TRP A 495 -9.63 9.71 -19.02
C TRP A 495 -8.55 8.64 -19.00
N VAL A 496 -7.93 8.46 -17.84
CA VAL A 496 -6.90 7.43 -17.69
C VAL A 496 -7.56 6.13 -17.27
N ILE A 497 -7.39 5.09 -18.08
CA ILE A 497 -8.14 3.84 -17.97
C ILE A 497 -7.15 2.70 -17.75
N GLN A 498 -7.42 1.88 -16.73
CA GLN A 498 -6.61 0.70 -16.47
C GLN A 498 -7.02 -0.43 -17.42
N ASN A 499 -6.02 -1.10 -17.99
CA ASN A 499 -6.23 -2.31 -18.77
C ASN A 499 -5.76 -3.49 -17.94
N TRP A 500 -6.69 -4.32 -17.48
CA TRP A 500 -6.37 -5.42 -16.57
C TRP A 500 -7.16 -6.65 -16.97
N GLN A 501 -6.44 -7.75 -17.21
CA GLN A 501 -6.93 -9.00 -17.79
C GLN A 501 -8.08 -8.81 -18.78
N GLY A 502 -7.80 -8.11 -19.88
CA GLY A 502 -8.76 -8.01 -20.97
C GLY A 502 -9.93 -7.08 -20.72
N ASN A 503 -9.97 -6.40 -19.57
CA ASN A 503 -11.05 -5.48 -19.29
C ASN A 503 -10.50 -4.07 -19.07
N PRO A 504 -11.25 -3.03 -19.49
CA PRO A 504 -12.55 -3.06 -20.15
C PRO A 504 -12.47 -3.64 -21.56
N SER A 505 -13.52 -4.36 -21.95
CA SER A 505 -13.55 -5.03 -23.25
C SER A 505 -13.51 -4.02 -24.39
N ASN A 506 -13.22 -4.53 -25.59
CA ASN A 506 -13.19 -3.68 -26.78
C ASN A 506 -14.53 -2.95 -26.97
N ASN A 507 -15.64 -3.64 -26.67
CA ASN A 507 -16.95 -3.01 -26.80
C ASN A 507 -17.09 -1.81 -25.88
N LYS A 508 -16.55 -1.90 -24.67
CA LYS A 508 -16.54 -0.75 -23.76
C LYS A 508 -15.70 0.37 -24.34
N LEU A 509 -14.47 0.04 -24.76
CA LEU A 509 -13.54 1.05 -25.25
C LEU A 509 -14.01 1.69 -26.55
N GLU A 510 -14.68 0.93 -27.42
CA GLU A 510 -15.19 1.48 -28.66
C GLU A 510 -16.30 2.50 -28.43
N GLY A 511 -16.87 2.53 -27.22
CA GLY A 511 -17.84 3.56 -26.88
C GLY A 511 -17.24 4.93 -26.66
N LEU A 512 -15.93 5.00 -26.44
CA LEU A 512 -15.26 6.29 -26.32
C LEU A 512 -15.30 7.02 -27.66
N THR A 513 -15.97 8.16 -27.70
CA THR A 513 -16.10 8.92 -28.94
C THR A 513 -14.93 9.87 -29.17
N LYS A 514 -14.18 10.23 -28.14
CA LYS A 514 -13.03 11.11 -28.29
C LYS A 514 -11.79 10.30 -27.88
N LYS A 515 -11.18 9.65 -28.87
CA LYS A 515 -10.09 8.72 -28.59
C LYS A 515 -8.86 9.44 -28.02
N ASP A 516 -8.57 10.64 -28.54
CA ASP A 516 -7.42 11.39 -28.05
C ASP A 516 -7.57 11.82 -26.60
N GLN A 517 -8.80 11.81 -26.07
CA GLN A 517 -9.05 12.18 -24.69
C GLN A 517 -9.26 10.96 -23.80
N ALA A 518 -8.66 9.83 -24.19
CA ALA A 518 -8.54 8.67 -23.33
C ALA A 518 -7.10 8.17 -23.40
N MET A 519 -6.67 7.51 -22.33
CA MET A 519 -5.32 6.95 -22.29
C MET A 519 -5.37 5.68 -21.45
N VAL A 520 -5.03 4.55 -22.06
CA VAL A 520 -5.16 3.25 -21.45
C VAL A 520 -3.80 2.81 -20.92
N LEU A 521 -3.73 2.56 -19.61
CA LEU A 521 -2.54 1.94 -19.03
C LEU A 521 -2.60 0.45 -19.29
N ASP A 522 -1.69 -0.05 -20.14
CA ASP A 522 -1.49 -1.49 -20.23
C ASP A 522 -0.75 -1.93 -18.97
N LEU A 523 -1.47 -2.58 -18.05
CA LEU A 523 -1.02 -2.66 -16.67
C LEU A 523 0.15 -3.61 -16.48
N PHE A 524 0.26 -4.63 -17.32
CA PHE A 524 1.11 -5.79 -17.06
C PHE A 524 1.97 -6.13 -18.25
N SER A 525 2.56 -5.10 -18.88
CA SER A 525 3.17 -5.28 -20.19
C SER A 525 4.42 -6.15 -20.16
N GLU A 526 5.07 -6.28 -19.01
CA GLU A 526 6.29 -7.08 -18.93
C GLU A 526 6.02 -8.56 -18.67
N VAL A 527 4.76 -8.96 -18.49
CA VAL A 527 4.46 -10.38 -18.33
C VAL A 527 3.32 -10.79 -19.25
N SER A 528 2.23 -10.01 -19.26
CA SER A 528 1.05 -10.29 -20.08
C SER A 528 0.65 -9.01 -20.81
N PRO A 529 1.39 -8.63 -21.85
CA PRO A 529 1.07 -7.39 -22.56
C PRO A 529 -0.25 -7.52 -23.33
N ASP A 530 -1.02 -6.43 -23.35
CA ASP A 530 -2.36 -6.44 -23.92
C ASP A 530 -2.66 -5.11 -24.60
N TRP A 531 -1.66 -4.55 -25.28
CA TRP A 531 -1.81 -3.24 -25.91
C TRP A 531 -2.12 -3.30 -27.40
N ASN A 532 -1.99 -4.47 -28.02
CA ASN A 532 -2.31 -4.57 -29.45
C ASN A 532 -3.74 -4.17 -29.72
N ARG A 533 -4.68 -4.61 -28.88
CA ARG A 533 -6.08 -4.23 -29.08
C ARG A 533 -6.31 -2.76 -28.80
N LEU A 534 -5.48 -2.13 -27.95
CA LEU A 534 -5.55 -0.68 -27.79
C LEU A 534 -5.02 0.03 -29.03
N GLU A 535 -3.84 -0.39 -29.50
CA GLU A 535 -3.22 0.20 -30.69
C GLU A 535 -4.13 0.08 -31.90
N GLU A 536 -4.77 -1.08 -32.08
CA GLU A 536 -5.68 -1.27 -33.21
C GLU A 536 -6.80 -0.25 -33.22
N ARG A 537 -7.25 0.19 -32.05
CA ARG A 537 -8.37 1.11 -31.93
C ARG A 537 -7.91 2.55 -31.76
N ASP A 538 -6.65 2.84 -32.08
CA ASP A 538 -6.11 4.19 -32.06
C ASP A 538 -6.34 4.85 -30.70
N LEU A 539 -6.20 4.06 -29.65
CA LEU A 539 -6.33 4.56 -28.29
C LEU A 539 -4.94 4.86 -27.75
N PRO A 540 -4.65 6.10 -27.37
CA PRO A 540 -3.39 6.38 -26.65
C PRO A 540 -3.21 5.41 -25.49
N TRP A 541 -2.00 4.85 -25.38
CA TRP A 541 -1.77 3.84 -24.35
C TRP A 541 -0.35 3.94 -23.83
N ILE A 542 -0.13 3.36 -22.65
CA ILE A 542 1.14 3.40 -21.95
C ILE A 542 1.59 1.98 -21.65
N TRP A 543 2.88 1.70 -21.88
CA TRP A 543 3.48 0.41 -21.62
C TRP A 543 3.97 0.38 -20.17
N ASN A 544 3.43 -0.53 -19.36
CA ASN A 544 3.71 -0.52 -17.93
C ASN A 544 4.30 -1.85 -17.46
N MET A 545 5.34 -1.75 -16.63
CA MET A 545 5.84 -2.86 -15.85
C MET A 545 5.15 -2.86 -14.49
N LEU A 546 4.44 -3.95 -14.19
CA LEU A 546 3.75 -4.14 -12.92
C LEU A 546 4.69 -4.71 -11.87
N HIS A 547 5.29 -5.86 -12.17
CA HIS A 547 6.36 -6.47 -11.37
C HIS A 547 5.93 -6.95 -9.99
N ASN A 548 5.36 -6.05 -9.18
CA ASN A 548 5.13 -6.30 -7.76
C ASN A 548 3.65 -6.50 -7.48
N PHE A 549 3.32 -7.58 -6.78
CA PHE A 549 1.97 -7.88 -6.34
C PHE A 549 1.93 -7.97 -4.82
N GLY A 550 1.03 -7.19 -4.21
CA GLY A 550 0.78 -7.26 -2.78
C GLY A 550 1.93 -6.92 -1.86
N GLY A 551 3.01 -6.36 -2.41
CA GLY A 551 4.21 -6.20 -1.60
C GLY A 551 4.92 -7.49 -1.29
N ARG A 552 4.51 -8.59 -1.93
CA ARG A 552 5.15 -9.88 -1.71
C ARG A 552 6.59 -9.83 -2.23
N MET A 553 7.52 -10.33 -1.44
CA MET A 553 8.94 -10.09 -1.65
C MET A 553 9.63 -11.33 -2.19
N GLY A 554 10.77 -11.09 -2.81
CA GLY A 554 11.59 -12.13 -3.42
C GLY A 554 12.40 -11.57 -4.57
N MET A 555 13.43 -12.32 -4.95
CA MET A 555 14.28 -11.94 -6.08
C MET A 555 13.53 -12.25 -7.38
N ASP A 556 13.14 -11.19 -8.10
CA ASP A 556 12.33 -11.35 -9.30
C ASP A 556 12.34 -10.06 -10.12
N ALA A 557 12.59 -10.18 -11.42
CA ALA A 557 12.71 -9.02 -12.31
C ALA A 557 12.82 -9.53 -13.73
N ALA A 558 12.43 -8.68 -14.68
CA ALA A 558 12.47 -9.00 -16.11
C ALA A 558 13.34 -8.01 -16.88
N PRO A 559 14.62 -7.88 -16.54
CA PRO A 559 15.44 -6.83 -17.16
C PRO A 559 15.64 -7.02 -18.66
N GLU A 560 15.73 -8.26 -19.15
CA GLU A 560 15.93 -8.44 -20.59
C GLU A 560 14.72 -7.96 -21.38
N LYS A 561 13.52 -8.25 -20.90
CA LYS A 561 12.32 -7.78 -21.57
C LYS A 561 12.26 -6.25 -21.56
N LEU A 562 12.59 -5.63 -20.43
CA LEU A 562 12.57 -4.18 -20.35
C LEU A 562 13.53 -3.56 -21.37
N ALA A 563 14.75 -4.12 -21.46
CA ALA A 563 15.78 -3.56 -22.34
C ALA A 563 15.46 -3.75 -23.82
N THR A 564 14.56 -4.66 -24.17
CA THR A 564 14.29 -4.96 -25.57
C THR A 564 12.84 -4.69 -25.97
N GLU A 565 11.87 -5.12 -25.16
CA GLU A 565 10.47 -5.07 -25.59
C GLU A 565 9.94 -3.66 -25.63
N ILE A 566 10.44 -2.76 -24.79
CA ILE A 566 9.93 -1.39 -24.76
C ILE A 566 10.29 -0.66 -26.05
N PRO A 567 11.57 -0.60 -26.48
CA PRO A 567 11.85 0.04 -27.76
C PRO A 567 11.22 -0.67 -28.94
N LYS A 568 11.03 -1.99 -28.83
CA LYS A 568 10.35 -2.74 -29.90
C LYS A 568 8.89 -2.31 -30.01
N ALA A 569 8.22 -2.08 -28.89
CA ALA A 569 6.83 -1.62 -28.92
C ALA A 569 6.74 -0.23 -29.54
N LEU A 570 7.69 0.65 -29.20
CA LEU A 570 7.66 2.01 -29.76
C LEU A 570 7.87 1.98 -31.27
N ALA A 571 8.71 1.07 -31.76
CA ALA A 571 8.95 0.95 -33.19
C ALA A 571 7.79 0.29 -33.93
N ASN A 572 6.91 -0.42 -33.22
CA ASN A 572 5.79 -1.14 -33.84
C ASN A 572 4.45 -0.57 -33.40
N SER A 573 4.36 0.75 -33.27
CA SER A 573 3.10 1.35 -32.84
C SER A 573 3.07 2.80 -33.26
N GLU A 574 1.85 3.37 -33.20
CA GLU A 574 1.65 4.79 -33.42
C GLU A 574 1.05 5.51 -32.22
N HIS A 575 0.38 4.81 -31.32
CA HIS A 575 -0.32 5.44 -30.21
C HIS A 575 0.27 5.07 -28.85
N MET A 576 1.50 4.55 -28.84
CA MET A 576 2.23 4.38 -27.59
C MET A 576 2.70 5.74 -27.10
N VAL A 577 2.06 6.26 -26.06
CA VAL A 577 2.35 7.62 -25.61
C VAL A 577 3.22 7.66 -24.37
N GLY A 578 3.63 6.52 -23.83
CA GLY A 578 4.57 6.57 -22.72
C GLY A 578 4.87 5.19 -22.16
N ILE A 579 5.69 5.19 -21.11
CA ILE A 579 5.98 4.01 -20.33
C ILE A 579 5.72 4.33 -18.86
N GLY A 580 5.68 3.29 -18.04
CA GLY A 580 5.34 3.52 -16.64
C GLY A 580 5.57 2.29 -15.80
N ILE A 581 5.38 2.49 -14.50
CA ILE A 581 5.37 1.42 -13.51
C ILE A 581 4.00 1.39 -12.87
N THR A 582 3.47 0.18 -12.68
CA THR A 582 2.18 0.00 -12.01
C THR A 582 2.28 -0.99 -10.84
N PRO A 583 3.30 -0.88 -9.99
CA PRO A 583 3.47 -1.88 -8.93
C PRO A 583 2.41 -1.72 -7.85
N GLU A 584 1.96 -2.85 -7.31
CA GLU A 584 1.04 -2.79 -6.17
C GLU A 584 1.75 -2.35 -4.90
N ALA A 585 3.08 -2.40 -4.89
CA ALA A 585 3.88 -1.86 -3.80
C ALA A 585 5.27 -1.56 -4.35
N ILE A 586 5.92 -0.55 -3.78
CA ILE A 586 7.29 -0.26 -4.15
C ILE A 586 8.17 -0.63 -2.95
N ASN A 587 8.63 -1.88 -2.91
CA ASN A 587 9.47 -2.31 -1.81
C ASN A 587 10.50 -3.37 -2.19
N THR A 588 10.53 -3.84 -3.43
CA THR A 588 11.45 -4.90 -3.81
C THR A 588 12.11 -4.58 -5.14
N ASN A 589 13.22 -5.27 -5.40
CA ASN A 589 13.98 -5.29 -6.66
C ASN A 589 14.13 -3.91 -7.28
N PRO A 590 14.95 -3.03 -6.69
CA PRO A 590 15.14 -1.70 -7.29
C PRO A 590 15.72 -1.74 -8.69
N LEU A 591 16.41 -2.82 -9.07
CA LEU A 591 16.95 -2.89 -10.43
C LEU A 591 15.85 -2.77 -11.47
N ALA A 592 14.72 -3.45 -11.24
CA ALA A 592 13.63 -3.43 -12.21
C ALA A 592 13.14 -2.01 -12.47
N TYR A 593 13.00 -1.21 -11.42
CA TYR A 593 12.44 0.12 -11.57
C TYR A 593 13.44 1.11 -12.14
N GLU A 594 14.70 1.04 -11.66
CA GLU A 594 15.77 1.82 -12.26
C GLU A 594 15.84 1.60 -13.77
N LEU A 595 15.75 0.33 -14.20
CA LEU A 595 15.90 0.02 -15.62
C LEU A 595 14.71 0.50 -16.43
N LEU A 596 13.49 0.34 -15.90
CA LEU A 596 12.31 0.74 -16.66
C LEU A 596 12.38 2.23 -17.03
N PHE A 597 12.52 3.09 -16.02
CA PHE A 597 12.51 4.52 -16.28
C PHE A 597 13.69 4.94 -17.13
N ASP A 598 14.81 4.21 -17.04
CA ASP A 598 15.94 4.45 -17.92
C ASP A 598 15.58 4.20 -19.38
N MET A 599 14.67 3.27 -19.64
CA MET A 599 14.25 2.95 -21.00
CA MET A 599 14.31 2.97 -21.03
C MET A 599 13.49 4.09 -21.67
N ALA A 600 13.12 5.13 -20.92
CA ALA A 600 12.47 6.28 -21.53
C ALA A 600 13.43 7.07 -22.41
N TRP A 601 14.72 7.02 -22.11
CA TRP A 601 15.71 7.89 -22.74
C TRP A 601 16.44 7.21 -23.90
N THR A 602 15.83 6.20 -24.51
CA THR A 602 16.40 5.56 -25.68
C THR A 602 15.28 5.17 -26.63
N ARG A 603 15.61 5.12 -27.92
CA ARG A 603 14.74 4.54 -28.93
C ARG A 603 15.25 3.20 -29.42
N ASP A 604 16.44 2.79 -28.98
CA ASP A 604 17.06 1.54 -29.37
C ASP A 604 17.06 0.56 -28.20
N GLN A 605 17.08 -0.73 -28.53
CA GLN A 605 17.27 -1.74 -27.50
C GLN A 605 18.68 -1.63 -26.94
N ILE A 606 18.81 -1.96 -25.65
CA ILE A 606 20.10 -1.92 -24.97
C ILE A 606 20.44 -3.31 -24.46
N ASN A 607 21.68 -3.46 -24.00
CA ASN A 607 22.18 -4.72 -23.46
C ASN A 607 21.92 -4.72 -21.96
N PHE A 608 21.04 -5.61 -21.50
CA PHE A 608 20.69 -5.60 -20.09
C PHE A 608 21.83 -6.11 -19.22
N ARG A 609 22.72 -6.94 -19.77
CA ARG A 609 23.85 -7.43 -18.99
C ARG A 609 24.85 -6.32 -18.68
N THR A 610 25.22 -5.54 -19.70
CA THR A 610 26.17 -4.45 -19.48
C THR A 610 25.53 -3.31 -18.70
N TRP A 611 24.24 -3.05 -18.92
CA TRP A 611 23.53 -2.08 -18.10
C TRP A 611 23.59 -2.47 -16.62
N THR A 612 23.35 -3.75 -16.33
CA THR A 612 23.43 -4.23 -14.94
C THR A 612 24.84 -4.08 -14.39
N GLU A 613 25.85 -4.30 -15.23
CA GLU A 613 27.23 -4.12 -14.81
C GLU A 613 27.49 -2.70 -14.36
N ASP A 614 27.00 -1.72 -15.12
CA ASP A 614 27.17 -0.32 -14.72
C ASP A 614 26.31 0.02 -13.50
N TYR A 615 25.11 -0.56 -13.43
CA TYR A 615 24.18 -0.27 -12.34
C TYR A 615 24.77 -0.65 -10.98
N ILE A 616 25.25 -1.89 -10.86
CA ILE A 616 25.71 -2.36 -9.56
C ILE A 616 26.95 -1.61 -9.09
N GLU A 617 27.79 -1.15 -10.02
CA GLU A 617 28.97 -0.40 -9.62
C GLU A 617 28.60 0.93 -8.98
N ARG A 618 27.63 1.64 -9.57
CA ARG A 618 27.19 2.89 -8.95
C ARG A 618 26.27 2.66 -7.77
N ARG A 619 25.64 1.47 -7.68
CA ARG A 619 24.77 1.18 -6.54
C ARG A 619 25.60 0.90 -5.28
N TYR A 620 26.73 0.20 -5.43
CA TYR A 620 27.59 -0.15 -4.31
C TYR A 620 28.74 0.83 -4.10
N GLY A 621 28.92 1.77 -5.02
CA GLY A 621 30.06 2.68 -4.97
C GLY A 621 31.36 2.07 -5.44
N LYS A 622 31.37 0.80 -5.79
CA LYS A 622 32.55 0.06 -6.18
C LYS A 622 32.08 -1.24 -6.84
N THR A 623 33.04 -1.97 -7.42
CA THR A 623 32.74 -3.25 -8.05
C THR A 623 34.04 -4.02 -8.19
N ASN A 624 33.89 -5.31 -8.49
CA ASN A 624 35.05 -6.14 -8.85
C ASN A 624 34.54 -7.34 -9.64
N LYS A 625 35.47 -8.22 -10.01
CA LYS A 625 35.12 -9.36 -10.86
C LYS A 625 34.27 -10.37 -10.11
N GLU A 626 34.41 -10.46 -8.78
CA GLU A 626 33.60 -11.43 -8.04
C GLU A 626 32.17 -10.95 -7.88
N ILE A 627 31.98 -9.69 -7.51
CA ILE A 627 30.62 -9.13 -7.39
C ILE A 627 29.90 -9.22 -8.73
N LEU A 628 30.59 -8.85 -9.81
CA LEU A 628 29.99 -8.94 -11.15
C LEU A 628 29.61 -10.38 -11.47
N GLU A 629 30.46 -11.34 -11.11
CA GLU A 629 30.15 -12.74 -11.35
C GLU A 629 28.88 -13.15 -10.62
N ALA A 630 28.73 -12.72 -9.37
CA ALA A 630 27.53 -13.06 -8.60
C ALA A 630 26.27 -12.49 -9.25
N TRP A 631 26.35 -11.26 -9.77
CA TRP A 631 25.17 -10.66 -10.37
C TRP A 631 24.82 -11.29 -11.71
N ASN A 632 25.82 -11.76 -12.46
CA ASN A 632 25.50 -12.52 -13.66
C ASN A 632 24.88 -13.86 -13.31
N ILE A 633 25.22 -14.42 -12.15
CA ILE A 633 24.48 -15.58 -11.64
C ILE A 633 23.04 -15.19 -11.33
N ILE A 634 22.85 -14.04 -10.68
CA ILE A 634 21.50 -13.56 -10.42
C ILE A 634 20.76 -13.35 -11.74
N LEU A 635 21.42 -12.74 -12.72
CA LEU A 635 20.81 -12.53 -14.03
C LEU A 635 20.47 -13.85 -14.71
N ASP A 636 21.27 -14.89 -14.49
CA ASP A 636 20.99 -16.18 -15.10
C ASP A 636 20.01 -17.03 -14.29
N THR A 637 19.59 -16.57 -13.10
CA THR A 637 18.65 -17.35 -12.30
C THR A 637 17.38 -16.57 -12.00
N ALA A 638 17.38 -15.81 -10.89
CA ALA A 638 16.15 -15.18 -10.42
C ALA A 638 15.66 -14.11 -11.38
N TYR A 639 16.57 -13.40 -12.05
CA TYR A 639 16.22 -12.34 -12.97
C TYR A 639 16.20 -12.80 -14.42
N LYS A 640 16.29 -14.09 -14.68
CA LYS A 640 16.34 -14.59 -16.04
C LYS A 640 14.98 -14.44 -16.72
N LYS A 641 15.00 -14.15 -18.02
CA LYS A 641 13.77 -14.00 -18.79
C LYS A 641 12.94 -15.27 -18.73
N ARG A 642 11.64 -15.10 -18.50
CA ARG A 642 10.70 -16.22 -18.55
C ARG A 642 9.52 -15.83 -19.42
N ASN A 643 8.76 -16.84 -19.85
CA ASN A 643 7.69 -16.60 -20.81
C ASN A 643 6.36 -17.19 -20.34
N ASP A 644 6.23 -17.48 -19.04
CA ASP A 644 5.00 -17.96 -18.46
C ASP A 644 4.21 -16.81 -17.83
N TYR A 645 3.00 -17.12 -17.37
CA TYR A 645 2.22 -16.16 -16.60
C TYR A 645 2.46 -16.37 -15.10
N TYR A 646 2.78 -15.29 -14.40
CA TYR A 646 3.03 -15.33 -12.97
C TYR A 646 2.81 -13.94 -12.40
N GLN A 647 2.30 -13.88 -11.18
CA GLN A 647 1.98 -12.62 -10.51
C GLN A 647 2.98 -12.41 -9.37
N GLY A 648 4.03 -11.64 -9.64
CA GLY A 648 4.99 -11.29 -8.61
C GLY A 648 5.99 -12.37 -8.30
N ALA A 649 6.81 -12.11 -7.28
CA ALA A 649 7.90 -13.00 -6.90
C ALA A 649 7.37 -14.30 -6.34
N ALA A 650 8.06 -15.40 -6.65
CA ALA A 650 7.71 -16.70 -6.09
C ALA A 650 7.67 -16.62 -4.57
N GLU A 651 6.61 -17.18 -3.99
CA GLU A 651 6.34 -16.94 -2.59
C GLU A 651 7.11 -17.91 -1.70
N SER A 652 7.38 -17.45 -0.48
CA SER A 652 8.13 -18.23 0.50
C SER A 652 7.19 -19.12 1.28
N ILE A 653 7.51 -20.42 1.32
CA ILE A 653 6.74 -21.40 2.09
C ILE A 653 6.62 -20.97 3.55
N ILE A 654 7.60 -20.24 4.07
CA ILE A 654 7.58 -19.74 5.43
C ILE A 654 6.31 -18.92 5.68
N ASN A 655 5.86 -18.19 4.65
CA ASN A 655 4.76 -17.25 4.80
C ASN A 655 3.39 -17.86 4.52
N ALA A 656 3.32 -19.15 4.19
CA ALA A 656 2.06 -19.77 3.82
C ALA A 656 1.41 -20.44 5.03
N ARG A 657 0.08 -20.43 5.05
CA ARG A 657 -0.65 -21.22 6.03
C ARG A 657 -0.15 -22.66 5.97
N PRO A 658 0.20 -23.27 7.10
CA PRO A 658 0.74 -24.63 7.05
C PRO A 658 -0.31 -25.63 6.58
N GLY A 659 0.18 -26.64 5.87
CA GLY A 659 -0.69 -27.67 5.31
C GLY A 659 0.09 -28.54 4.36
N PHE A 660 -0.63 -29.48 3.74
CA PHE A 660 -0.03 -30.41 2.81
C PHE A 660 -0.11 -29.89 1.38
N GLY A 661 0.92 -30.18 0.60
CA GLY A 661 0.95 -29.84 -0.81
C GLY A 661 0.78 -28.36 -1.11
N ILE A 662 1.35 -27.49 -0.27
CA ILE A 662 1.26 -26.05 -0.49
C ILE A 662 2.01 -25.67 -1.76
N LYS A 663 1.41 -24.78 -2.55
CA LYS A 663 2.00 -24.32 -3.79
C LYS A 663 2.06 -22.80 -3.89
N SER A 664 1.73 -22.08 -2.81
CA SER A 664 1.70 -20.63 -2.75
C SER A 664 1.21 -20.21 -1.37
N ALA A 665 1.57 -19.00 -0.96
CA ALA A 665 0.99 -18.43 0.25
C ALA A 665 -0.33 -17.71 -0.07
N SER A 666 -0.32 -16.82 -1.05
CA SER A 666 -1.53 -16.15 -1.50
C SER A 666 -2.37 -17.07 -2.38
N THR A 667 -3.61 -16.67 -2.62
CA THR A 667 -4.53 -17.49 -3.41
C THR A 667 -4.09 -17.56 -4.86
N TRP A 668 -3.63 -16.44 -5.43
CA TRP A 668 -3.31 -16.37 -6.85
C TRP A 668 -1.81 -16.29 -7.10
N GLY A 669 -1.00 -16.66 -6.11
CA GLY A 669 0.44 -16.61 -6.23
C GLY A 669 1.03 -17.92 -6.70
N HIS A 670 2.34 -18.04 -6.52
CA HIS A 670 3.10 -19.18 -6.98
C HIS A 670 4.33 -19.34 -6.09
N SER A 671 4.71 -20.58 -5.81
CA SER A 671 5.85 -20.88 -4.97
C SER A 671 6.97 -21.59 -5.72
N LYS A 672 6.78 -21.88 -7.01
CA LYS A 672 7.77 -22.66 -7.76
C LYS A 672 8.96 -21.79 -8.12
N ILE A 673 10.13 -22.25 -7.70
CA ILE A 673 11.39 -21.64 -8.11
C ILE A 673 11.75 -22.21 -9.48
N VAL A 674 11.82 -21.32 -10.48
CA VAL A 674 12.01 -21.74 -11.87
C VAL A 674 13.48 -21.75 -12.27
N TYR A 675 14.39 -21.48 -11.34
CA TYR A 675 15.82 -21.55 -11.58
C TYR A 675 16.44 -22.60 -10.67
N ASP A 676 17.68 -22.98 -10.97
CA ASP A 676 18.38 -23.96 -10.15
C ASP A 676 18.78 -23.32 -8.82
N LYS A 677 18.35 -23.93 -7.72
CA LYS A 677 18.53 -23.30 -6.40
C LYS A 677 20.00 -23.31 -5.97
N SER A 678 20.72 -24.40 -6.24
CA SER A 678 22.12 -24.45 -5.85
C SER A 678 22.95 -23.47 -6.66
N GLU A 679 22.63 -23.29 -7.95
CA GLU A 679 23.31 -22.28 -8.76
C GLU A 679 23.13 -20.90 -8.13
N PHE A 680 21.90 -20.53 -7.79
CA PHE A 680 21.64 -19.24 -7.18
C PHE A 680 22.40 -19.05 -5.88
N GLU A 681 22.58 -20.14 -5.12
CA GLU A 681 23.30 -20.03 -3.86
C GLU A 681 24.74 -19.57 -4.04
N LYS A 682 25.32 -19.77 -5.24
CA LYS A 682 26.67 -19.29 -5.48
C LYS A 682 26.76 -17.77 -5.37
N ALA A 683 25.71 -17.06 -5.75
CA ALA A 683 25.70 -15.61 -5.59
C ALA A 683 25.83 -15.23 -4.12
N ILE A 684 25.19 -16.00 -3.23
CA ILE A 684 25.31 -15.72 -1.79
C ILE A 684 26.73 -15.99 -1.32
N GLU A 685 27.34 -17.09 -1.77
CA GLU A 685 28.72 -17.38 -1.40
C GLU A 685 29.65 -16.25 -1.79
N ILE A 686 29.44 -15.67 -2.98
CA ILE A 686 30.32 -14.61 -3.44
C ILE A 686 30.10 -13.34 -2.62
N PHE A 687 28.85 -13.02 -2.29
CA PHE A 687 28.57 -11.88 -1.44
C PHE A 687 29.23 -12.03 -0.07
N ALA A 688 29.12 -13.23 0.53
CA ALA A 688 29.76 -13.47 1.82
C ALA A 688 31.26 -13.29 1.73
N LYS A 689 31.87 -13.81 0.66
CA LYS A 689 33.32 -13.73 0.49
C LYS A 689 33.78 -12.28 0.34
N ASN A 690 32.94 -11.39 -0.18
CA ASN A 690 33.30 -9.99 -0.38
C ASN A 690 32.61 -9.07 0.62
N TYR A 691 31.97 -9.61 1.65
CA TYR A 691 31.23 -8.79 2.60
C TYR A 691 32.10 -7.69 3.20
N ASP A 692 33.25 -8.08 3.76
CA ASP A 692 34.09 -7.14 4.49
C ASP A 692 34.53 -5.98 3.62
N GLU A 693 34.68 -6.19 2.32
CA GLU A 693 35.08 -5.10 1.44
C GLU A 693 33.91 -4.20 1.05
N PHE A 694 32.69 -4.76 0.98
CA PHE A 694 31.54 -4.01 0.50
C PHE A 694 30.58 -3.60 1.61
N LYS A 695 30.92 -3.88 2.87
CA LYS A 695 29.96 -3.67 3.96
C LYS A 695 29.69 -2.20 4.24
N ASP A 696 30.53 -1.29 3.75
CA ASP A 696 30.30 0.14 3.95
C ASP A 696 29.26 0.70 2.99
N SER A 697 28.73 -0.13 2.09
CA SER A 697 27.71 0.28 1.13
C SER A 697 26.37 -0.26 1.63
N ASP A 698 25.46 0.64 2.01
CA ASP A 698 24.16 0.21 2.51
C ASP A 698 23.36 -0.52 1.44
N ALA A 699 23.53 -0.15 0.17
CA ALA A 699 22.81 -0.83 -0.89
C ALA A 699 23.34 -2.25 -1.10
N PHE A 700 24.64 -2.46 -0.92
CA PHE A 700 25.15 -3.83 -0.96
C PHE A 700 24.57 -4.67 0.17
N LEU A 701 24.50 -4.09 1.38
CA LEU A 701 23.85 -4.78 2.48
C LEU A 701 22.39 -5.08 2.17
N TYR A 702 21.69 -4.09 1.59
CA TYR A 702 20.30 -4.30 1.18
C TYR A 702 20.19 -5.50 0.24
N ASP A 703 21.04 -5.55 -0.79
CA ASP A 703 20.94 -6.62 -1.77
C ASP A 703 21.41 -7.96 -1.19
N PHE A 704 22.42 -7.93 -0.32
CA PHE A 704 22.86 -9.15 0.36
C PHE A 704 21.70 -9.78 1.12
N ALA A 705 21.04 -9.00 1.98
CA ALA A 705 19.88 -9.50 2.70
C ALA A 705 18.83 -10.06 1.74
N ASP A 706 18.63 -9.38 0.61
CA ASP A 706 17.63 -9.83 -0.37
C ASP A 706 17.96 -11.22 -0.91
N ILE A 707 19.20 -11.45 -1.33
CA ILE A 707 19.50 -12.74 -1.91
C ILE A 707 19.61 -13.81 -0.82
N LEU A 708 20.08 -13.43 0.36
CA LEU A 708 20.22 -14.40 1.45
C LEU A 708 18.85 -14.83 1.98
N LYS A 709 17.90 -13.91 2.07
CA LYS A 709 16.56 -14.33 2.48
C LYS A 709 15.89 -15.16 1.39
N GLN A 710 16.22 -14.88 0.12
CA GLN A 710 15.76 -15.74 -0.97
C GLN A 710 16.37 -17.14 -0.87
N LEU A 711 17.62 -17.23 -0.42
CA LEU A 711 18.25 -18.54 -0.25
C LEU A 711 17.51 -19.35 0.81
N LEU A 712 17.26 -18.75 1.97
CA LEU A 712 16.60 -19.48 3.04
C LEU A 712 15.16 -19.82 2.68
N ALA A 713 14.49 -18.97 1.90
CA ALA A 713 13.17 -19.31 1.40
C ALA A 713 13.24 -20.50 0.44
N ASN A 714 14.25 -20.51 -0.44
CA ASN A 714 14.38 -21.61 -1.39
C ASN A 714 14.67 -22.93 -0.67
N SER A 715 15.56 -22.90 0.32
CA SER A 715 15.89 -24.14 1.02
C SER A 715 14.77 -24.59 1.96
N ALA A 716 14.05 -23.65 2.57
CA ALA A 716 12.93 -24.04 3.43
C ALA A 716 11.91 -24.86 2.66
N GLN A 717 11.66 -24.49 1.39
CA GLN A 717 10.73 -25.25 0.56
C GLN A 717 11.17 -26.71 0.43
N GLU A 718 12.47 -26.93 0.26
CA GLU A 718 12.98 -28.30 0.17
C GLU A 718 12.82 -29.04 1.50
N TYR A 719 13.09 -28.37 2.61
CA TYR A 719 12.93 -29.00 3.91
C TYR A 719 11.47 -29.31 4.22
N TYR A 720 10.55 -28.47 3.71
CA TYR A 720 9.13 -28.73 3.90
C TYR A 720 8.71 -29.99 3.16
N GLU A 721 9.19 -30.17 1.92
CA GLU A 721 8.81 -31.37 1.17
C GLU A 721 9.33 -32.62 1.85
N VAL A 722 10.54 -32.59 2.39
CA VAL A 722 11.07 -33.71 3.16
C VAL A 722 10.21 -33.93 4.41
N MET A 723 9.99 -32.86 5.17
CA MET A 723 9.10 -32.86 6.34
C MET A 723 7.76 -33.54 6.02
N CYS A 724 7.29 -33.36 4.79
CA CYS A 724 5.98 -33.87 4.41
C CYS A 724 6.03 -35.35 4.05
N ASN A 725 7.11 -35.80 3.40
CA ASN A 725 7.26 -37.22 3.12
C ASN A 725 7.41 -38.02 4.40
N ALA A 726 8.14 -37.46 5.38
CA ALA A 726 8.34 -38.15 6.65
C ALA A 726 7.01 -38.43 7.34
N TYR A 727 6.11 -37.44 7.36
CA TYR A 727 4.80 -37.66 7.97
C TYR A 727 4.01 -38.69 7.17
N ASN A 728 3.90 -38.48 5.85
CA ASN A 728 3.15 -39.40 5.01
C ASN A 728 3.69 -40.83 5.07
N ASN A 729 4.98 -40.99 5.42
CA ASN A 729 5.56 -42.31 5.61
C ASN A 729 5.53 -42.76 7.07
N GLY A 730 4.98 -41.94 7.96
CA GLY A 730 4.85 -42.31 9.36
C GLY A 730 6.14 -42.31 10.15
N ASN A 731 7.23 -41.76 9.60
CA ASN A 731 8.52 -41.75 10.27
C ASN A 731 8.55 -40.56 11.23
N GLY A 732 8.06 -40.80 12.45
CA GLY A 732 8.00 -39.73 13.44
C GLY A 732 9.37 -39.15 13.77
N GLU A 733 10.37 -40.01 13.96
CA GLU A 733 11.69 -39.54 14.36
C GLU A 733 12.32 -38.67 13.27
N LYS A 734 12.11 -39.02 12.01
CA LYS A 734 12.62 -38.18 10.92
C LYS A 734 11.88 -36.85 10.87
N PHE A 735 10.56 -36.89 11.00
CA PHE A 735 9.77 -35.66 11.02
C PHE A 735 10.27 -34.71 12.11
N LYS A 736 10.46 -35.23 13.32
CA LYS A 736 10.96 -34.42 14.42
C LYS A 736 12.28 -33.74 14.07
N PHE A 737 13.15 -34.46 13.36
CA PHE A 737 14.45 -33.92 13.01
C PHE A 737 14.34 -32.90 11.87
N VAL A 738 13.62 -33.24 10.81
CA VAL A 738 13.48 -32.33 9.68
C VAL A 738 12.72 -31.08 10.09
N SER A 739 11.58 -31.25 10.77
CA SER A 739 10.83 -30.09 11.23
C SER A 739 11.63 -29.25 12.22
N GLY A 740 12.49 -29.89 13.00
CA GLY A 740 13.37 -29.12 13.89
C GLY A 740 14.32 -28.23 13.11
N LYS A 741 14.89 -28.75 12.03
CA LYS A 741 15.75 -27.92 11.17
C LYS A 741 14.95 -26.85 10.46
N PHE A 742 13.69 -27.14 10.11
CA PHE A 742 12.82 -26.17 9.46
C PHE A 742 12.60 -24.95 10.36
N LEU A 743 12.15 -25.18 11.59
CA LEU A 743 11.94 -24.08 12.52
C LEU A 743 13.24 -23.33 12.79
N GLU A 744 14.35 -24.08 12.89
CA GLU A 744 15.65 -23.43 13.04
C GLU A 744 15.99 -22.58 11.82
N LEU A 745 15.62 -23.07 10.63
CA LEU A 745 15.82 -22.27 9.42
C LEU A 745 15.07 -20.95 9.50
N ILE A 746 13.83 -20.98 9.98
CA ILE A 746 13.06 -19.75 10.11
C ILE A 746 13.72 -18.83 11.14
N LYS A 747 14.19 -19.39 12.25
CA LYS A 747 14.89 -18.57 13.23
C LYS A 747 16.07 -17.85 12.61
N LEU A 748 16.82 -18.53 11.73
CA LEU A 748 17.93 -17.87 11.04
C LEU A 748 17.43 -16.80 10.09
N GLN A 749 16.33 -17.08 9.36
CA GLN A 749 15.72 -16.08 8.51
C GLN A 749 15.37 -14.81 9.28
N GLU A 750 14.73 -14.97 10.45
CA GLU A 750 14.40 -13.83 11.29
C GLU A 750 15.61 -12.95 11.56
N ARG A 751 16.77 -13.57 11.78
CA ARG A 751 17.98 -12.79 12.06
C ARG A 751 18.41 -12.01 10.82
N VAL A 752 18.29 -12.62 9.63
CA VAL A 752 18.59 -11.89 8.40
C VAL A 752 17.64 -10.71 8.24
N LEU A 753 16.33 -10.95 8.41
CA LEU A 753 15.34 -9.89 8.28
C LEU A 753 15.61 -8.75 9.25
N SER A 754 16.14 -9.06 10.44
CA SER A 754 16.33 -8.06 11.48
C SER A 754 17.35 -6.99 11.10
N THR A 755 18.17 -7.23 10.08
CA THR A 755 19.25 -6.30 9.75
C THR A 755 18.78 -5.09 8.95
N ARG A 756 17.58 -5.11 8.39
CA ARG A 756 17.13 -4.07 7.47
C ARG A 756 15.96 -3.29 8.06
N PRO A 757 16.07 -1.96 8.20
CA PRO A 757 14.92 -1.19 8.73
C PRO A 757 13.67 -1.32 7.86
N GLU A 758 13.84 -1.58 6.56
CA GLU A 758 12.73 -1.78 5.65
C GLU A 758 11.91 -3.03 5.98
N PHE A 759 12.50 -3.98 6.72
CA PHE A 759 11.86 -5.25 7.01
C PHE A 759 11.20 -5.30 8.38
N LEU A 760 11.23 -4.20 9.13
CA LEU A 760 10.70 -4.22 10.49
C LEU A 760 9.20 -3.95 10.46
N ILE A 761 8.41 -4.87 11.02
CA ILE A 761 6.99 -4.60 11.19
C ILE A 761 6.78 -3.43 12.12
N GLY A 762 7.73 -3.17 13.03
CA GLY A 762 7.62 -2.05 13.95
C GLY A 762 7.57 -0.70 13.25
N ASN A 763 8.23 -0.58 12.09
CA ASN A 763 8.19 0.69 11.36
C ASN A 763 6.84 0.87 10.67
N TRP A 764 6.35 -0.19 10.01
CA TRP A 764 5.02 -0.18 9.43
C TRP A 764 3.96 0.25 10.45
N ILE A 765 3.96 -0.39 11.62
CA ILE A 765 2.93 -0.14 12.61
C ILE A 765 3.07 1.26 13.20
N GLU A 766 4.28 1.66 13.58
CA GLU A 766 4.46 2.98 14.19
C GLU A 766 4.04 4.09 13.24
N ASP A 767 4.41 3.98 11.95
CA ASP A 767 3.95 4.95 10.96
C ASP A 767 2.44 5.05 10.95
N ALA A 768 1.75 3.91 11.03
CA ALA A 768 0.29 3.93 11.10
C ALA A 768 -0.18 4.69 12.33
N ARG A 769 0.41 4.38 13.49
CA ARG A 769 -0.06 4.97 14.75
C ARG A 769 0.31 6.44 14.88
N THR A 770 1.26 6.95 14.10
CA THR A 770 1.71 8.33 14.25
C THR A 770 1.47 9.19 13.02
N MET A 771 0.66 8.74 12.04
CA MET A 771 0.57 9.48 10.79
C MET A 771 -0.27 10.75 10.89
N LEU A 772 -1.07 10.91 11.93
CA LEU A 772 -1.72 12.18 12.23
C LEU A 772 -1.17 12.73 13.52
N LYS A 773 -1.22 14.05 13.67
CA LYS A 773 -0.82 14.68 14.91
C LYS A 773 -2.01 14.82 15.84
N ASP A 774 -1.76 14.69 17.14
CA ASP A 774 -2.77 14.92 18.17
C ASP A 774 -4.01 14.04 17.98
N SER A 775 -3.77 12.80 17.56
CA SER A 775 -4.83 11.81 17.45
C SER A 775 -4.95 11.01 18.74
N ASP A 776 -6.17 10.55 19.04
CA ASP A 776 -6.45 9.87 20.29
C ASP A 776 -6.07 8.39 20.22
N ASP A 777 -6.14 7.72 21.38
CA ASP A 777 -5.82 6.29 21.44
C ASP A 777 -6.72 5.48 20.52
N TRP A 778 -8.00 5.83 20.47
CA TRP A 778 -8.93 5.10 19.61
C TRP A 778 -8.43 5.07 18.18
N THR A 779 -8.10 6.25 17.64
CA THR A 779 -7.64 6.34 16.27
C THR A 779 -6.34 5.58 16.06
N LYS A 780 -5.42 5.66 17.02
CA LYS A 780 -4.15 4.96 16.89
C LYS A 780 -4.37 3.44 16.84
N ASP A 781 -5.18 2.92 17.77
CA ASP A 781 -5.47 1.49 17.77
C ASP A 781 -6.15 1.05 16.47
N LEU A 782 -7.03 1.89 15.93
CA LEU A 782 -7.75 1.55 14.71
C LEU A 782 -6.81 1.55 13.51
N PHE A 783 -5.90 2.53 13.44
CA PHE A 783 -4.93 2.57 12.36
C PHE A 783 -3.97 1.39 12.45
N GLU A 784 -3.57 1.01 13.67
CA GLU A 784 -2.73 -0.17 13.83
C GLU A 784 -3.46 -1.44 13.39
N PHE A 785 -4.78 -1.49 13.60
CA PHE A 785 -5.55 -2.64 13.07
C PHE A 785 -5.45 -2.69 11.56
N ASN A 786 -5.56 -1.53 10.90
CA ASN A 786 -5.41 -1.46 9.44
C ASN A 786 -4.06 -1.99 9.00
N ALA A 787 -3.00 -1.62 9.72
CA ALA A 787 -1.65 -2.02 9.33
C ALA A 787 -1.44 -3.52 9.51
N ARG A 788 -1.90 -4.06 10.64
CA ARG A 788 -1.72 -5.48 10.91
C ARG A 788 -2.58 -6.34 9.98
N ALA A 789 -3.82 -5.92 9.73
CA ALA A 789 -4.72 -6.74 8.93
C ALA A 789 -4.27 -6.80 7.47
N LEU A 790 -3.79 -5.68 6.92
CA LEU A 790 -3.49 -5.65 5.49
C LEU A 790 -2.43 -6.69 5.11
N VAL A 791 -1.40 -6.86 5.94
CA VAL A 791 -0.31 -7.76 5.59
C VAL A 791 -0.55 -9.20 6.03
N THR A 792 -1.69 -9.48 6.67
CA THR A 792 -2.02 -10.84 7.08
C THR A 792 -3.39 -11.26 6.55
N THR A 793 -4.43 -11.19 7.39
CA THR A 793 -5.76 -11.66 6.98
C THR A 793 -6.41 -10.79 5.92
N TRP A 794 -5.90 -9.56 5.70
CA TRP A 794 -6.45 -8.59 4.76
C TRP A 794 -7.79 -8.06 5.25
N GLY A 795 -8.81 -8.91 5.29
CA GLY A 795 -10.07 -8.54 5.91
C GLY A 795 -10.37 -9.41 7.11
N SER A 796 -11.65 -9.60 7.42
CA SER A 796 -12.06 -10.55 8.46
C SER A 796 -12.29 -11.91 7.80
N ARG A 797 -13.04 -12.80 8.47
CA ARG A 797 -13.04 -14.21 8.06
C ARG A 797 -13.54 -14.39 6.63
N ASN A 798 -14.70 -13.81 6.31
CA ASN A 798 -15.28 -13.98 4.98
C ASN A 798 -14.42 -13.37 3.88
N ASN A 799 -13.50 -12.48 4.23
CA ASN A 799 -12.59 -11.92 3.24
C ASN A 799 -11.33 -12.77 3.10
N ALA A 800 -10.70 -13.09 4.24
CA ALA A 800 -9.49 -13.90 4.23
C ALA A 800 -9.75 -15.28 3.65
N ASP A 801 -10.85 -15.90 4.06
CA ASP A 801 -11.10 -17.30 3.70
C ASP A 801 -11.98 -17.41 2.47
N GLY A 802 -13.30 -17.18 2.63
CA GLY A 802 -14.20 -17.26 1.49
C GLY A 802 -13.83 -16.32 0.36
N GLY A 803 -13.26 -15.16 0.69
CA GLY A 803 -12.87 -14.20 -0.33
C GLY A 803 -11.52 -14.44 -0.97
N GLY A 804 -10.70 -15.31 -0.38
CA GLY A 804 -9.42 -15.67 -0.95
C GLY A 804 -8.26 -14.76 -0.62
N LEU A 805 -8.46 -13.76 0.23
CA LEU A 805 -7.46 -12.71 0.44
C LEU A 805 -6.41 -13.05 1.49
N LYS A 806 -6.53 -14.18 2.17
CA LYS A 806 -5.60 -14.50 3.25
C LYS A 806 -4.16 -14.46 2.77
N ASP A 807 -3.32 -13.74 3.51
CA ASP A 807 -1.89 -13.64 3.24
C ASP A 807 -1.60 -13.14 1.82
N TYR A 808 -2.54 -12.38 1.21
CA TYR A 808 -2.27 -11.82 -0.10
C TYR A 808 -1.06 -10.89 -0.06
N SER A 809 -0.95 -10.11 1.00
CA SER A 809 0.14 -9.14 1.15
C SER A 809 1.24 -9.65 2.08
N ASN A 810 1.49 -10.95 2.09
CA ASN A 810 2.46 -11.50 3.04
C ASN A 810 3.84 -10.91 2.79
N ARG A 811 4.51 -10.53 3.87
CA ARG A 811 5.81 -9.86 3.83
C ARG A 811 6.84 -10.69 4.58
N GLN A 812 8.04 -10.77 4.03
CA GLN A 812 9.16 -11.39 4.73
C GLN A 812 9.79 -10.34 5.65
N TRP A 813 9.08 -10.10 6.76
CA TRP A 813 9.38 -9.00 7.66
C TRP A 813 9.78 -9.50 9.04
N SER A 814 10.70 -8.77 9.67
CA SER A 814 11.08 -9.03 11.04
C SER A 814 9.90 -8.79 11.98
N GLY A 815 9.86 -9.58 13.05
CA GLY A 815 8.78 -9.48 14.02
C GLY A 815 7.55 -10.23 13.57
N LEU A 816 7.03 -9.87 12.39
CA LEU A 816 5.94 -10.63 11.80
C LEU A 816 6.33 -12.08 11.57
N THR A 817 7.57 -12.33 11.14
CA THR A 817 8.01 -13.71 10.98
C THR A 817 8.03 -14.45 12.32
N GLU A 818 8.55 -13.79 13.35
CA GLU A 818 8.66 -14.43 14.66
C GLU A 818 7.29 -14.76 15.24
N ASP A 819 6.37 -13.78 15.24
CA ASP A 819 5.11 -13.90 15.97
C ASP A 819 3.94 -14.39 15.12
N TYR A 820 4.10 -14.51 13.80
CA TYR A 820 3.01 -14.91 12.93
C TYR A 820 3.39 -16.14 12.11
N TYR A 821 4.36 -16.03 11.22
CA TYR A 821 4.68 -17.14 10.31
C TYR A 821 5.27 -18.32 11.07
N TYR A 822 6.22 -18.04 11.97
CA TYR A 822 6.81 -19.11 12.77
C TYR A 822 5.77 -19.74 13.71
N ALA A 823 4.91 -18.92 14.30
CA ALA A 823 3.91 -19.45 15.23
C ALA A 823 2.97 -20.43 14.54
N ARG A 824 2.59 -20.13 13.30
CA ARG A 824 1.73 -21.04 12.55
C ARG A 824 2.44 -22.36 12.27
N TRP A 825 3.67 -22.30 11.75
CA TRP A 825 4.39 -23.54 11.45
C TRP A 825 4.66 -24.34 12.72
N GLU A 826 4.96 -23.66 13.82
CA GLU A 826 5.23 -24.35 15.07
C GLU A 826 3.99 -25.09 15.58
N LYS A 827 2.83 -24.44 15.51
CA LYS A 827 1.60 -25.08 15.98
C LYS A 827 1.23 -26.29 15.14
N TRP A 828 1.39 -26.18 13.83
CA TRP A 828 1.12 -27.30 12.93
C TRP A 828 2.11 -28.43 13.15
N ILE A 829 3.39 -28.11 13.28
CA ILE A 829 4.42 -29.13 13.49
C ILE A 829 4.16 -29.87 14.80
N ASN A 830 3.80 -29.14 15.85
CA ASN A 830 3.50 -29.79 17.13
C ASN A 830 2.32 -30.74 17.00
N GLY A 831 1.30 -30.36 16.25
CA GLY A 831 0.14 -31.22 16.09
C GLY A 831 0.47 -32.50 15.36
N LEU A 832 1.21 -32.39 14.25
CA LEU A 832 1.60 -33.58 13.51
C LEU A 832 2.49 -34.49 14.33
N GLN A 833 3.39 -33.90 15.13
CA GLN A 833 4.30 -34.70 15.94
C GLN A 833 3.55 -35.53 16.97
N ALA A 834 2.62 -34.90 17.69
CA ALA A 834 1.81 -35.61 18.67
C ALA A 834 1.09 -36.80 18.04
N GLU A 835 0.51 -36.58 16.86
CA GLU A 835 -0.15 -37.67 16.14
C GLU A 835 0.84 -38.79 15.83
N LEU A 836 2.01 -38.43 15.28
CA LEU A 836 3.00 -39.43 14.92
C LEU A 836 3.53 -40.18 16.15
N ASP A 837 3.49 -39.54 17.32
CA ASP A 837 3.90 -40.17 18.57
C ASP A 837 2.80 -41.01 19.20
N GLY A 838 1.81 -41.44 18.42
CA GLY A 838 0.74 -42.25 18.97
C GLY A 838 -0.32 -41.46 19.72
N GLY A 839 -0.61 -40.23 19.29
CA GLY A 839 -1.70 -39.46 19.83
C GLY A 839 -2.89 -39.46 18.89
N ALA A 840 -3.93 -38.73 19.30
CA ALA A 840 -5.09 -38.58 18.45
C ALA A 840 -4.71 -37.84 17.18
N LYS A 841 -5.46 -38.11 16.10
CA LYS A 841 -5.21 -37.47 14.82
C LYS A 841 -5.18 -35.96 14.99
N ALA A 842 -4.25 -35.31 14.31
CA ALA A 842 -4.05 -33.87 14.44
C ALA A 842 -5.36 -33.14 14.11
N PRO A 843 -5.83 -32.24 14.98
CA PRO A 843 -7.04 -31.50 14.67
C PRO A 843 -6.84 -30.56 13.50
N ASN A 844 -7.95 -30.18 12.88
CA ASN A 844 -7.92 -29.07 11.94
C ASN A 844 -7.76 -27.77 12.73
N ILE A 845 -6.92 -26.89 12.21
CA ILE A 845 -6.64 -25.62 12.87
C ILE A 845 -7.41 -24.53 12.15
N ASP A 846 -8.26 -23.82 12.90
CA ASP A 846 -8.89 -22.62 12.39
C ASP A 846 -7.82 -21.54 12.29
N TRP A 847 -7.12 -21.50 11.17
CA TRP A 847 -6.00 -20.58 11.02
C TRP A 847 -6.43 -19.13 11.19
N PHE A 848 -7.61 -18.77 10.69
CA PHE A 848 -7.99 -17.36 10.70
C PHE A 848 -8.13 -16.86 12.13
N LYS A 849 -8.70 -17.67 13.03
CA LYS A 849 -8.84 -17.26 14.43
C LYS A 849 -7.49 -16.90 15.02
N MET A 850 -6.52 -17.79 14.85
CA MET A 850 -5.16 -17.54 15.33
C MET A 850 -4.58 -16.28 14.69
N GLU A 851 -4.78 -16.10 13.39
CA GLU A 851 -4.21 -14.96 12.68
C GLU A 851 -4.84 -13.65 13.14
N TYR A 852 -6.17 -13.62 13.25
CA TYR A 852 -6.89 -12.43 13.72
C TYR A 852 -6.59 -12.12 15.17
N ASP A 853 -6.13 -13.09 15.95
CA ASP A 853 -5.66 -12.79 17.29
C ASP A 853 -4.43 -11.89 17.25
N TRP A 854 -3.52 -12.15 16.31
CA TRP A 854 -2.38 -11.25 16.16
C TRP A 854 -2.81 -9.91 15.57
N VAL A 855 -3.76 -9.93 14.63
CA VAL A 855 -4.20 -8.70 13.97
C VAL A 855 -4.68 -7.67 14.97
N ASN A 856 -5.34 -8.12 16.04
CA ASN A 856 -6.02 -7.19 16.93
C ASN A 856 -5.19 -6.75 18.14
N LYS A 857 -3.95 -7.23 18.28
CA LYS A 857 -3.14 -6.78 19.40
C LYS A 857 -2.70 -5.34 19.18
N LYS A 858 -2.50 -4.62 20.28
CA LYS A 858 -2.14 -3.22 20.25
C LYS A 858 -0.72 -3.01 20.76
N SER A 859 -0.02 -2.05 20.16
CA SER A 859 1.39 -1.84 20.47
C SER A 859 1.60 -1.32 21.87
N ASP A 860 0.60 -0.65 22.46
CA ASP A 860 0.79 0.00 23.74
C ASP A 860 0.36 -0.87 24.92
N THR A 861 -0.20 -2.06 24.65
CA THR A 861 -0.70 -2.92 25.73
C THR A 861 -0.11 -4.32 25.63
N ASP A 862 0.15 -4.78 24.42
CA ASP A 862 0.63 -6.14 24.25
C ASP A 862 2.14 -6.16 24.05
N LYS A 863 2.62 -5.93 22.84
CA LYS A 863 4.04 -5.99 22.54
C LYS A 863 4.39 -4.90 21.55
N LEU A 864 5.36 -4.05 21.89
CA LEU A 864 5.81 -2.99 21.00
C LEU A 864 6.94 -3.50 20.13
N TYR A 865 6.75 -3.46 18.81
CA TYR A 865 7.80 -3.95 17.94
C TYR A 865 8.87 -2.89 17.74
N PRO A 866 10.14 -3.29 17.62
CA PRO A 866 11.22 -2.31 17.51
C PRO A 866 11.22 -1.60 16.16
N THR A 867 11.72 -0.37 16.16
CA THR A 867 11.93 0.41 14.95
C THR A 867 13.40 0.48 14.53
N GLU A 868 14.28 -0.18 15.26
CA GLU A 868 15.72 -0.14 15.00
C GLU A 868 16.21 -1.51 14.56
N ALA A 869 16.91 -1.53 13.42
CA ALA A 869 17.45 -2.79 12.92
C ALA A 869 18.63 -3.24 13.78
N SER A 870 18.96 -4.53 13.64
CA SER A 870 20.01 -5.15 14.43
C SER A 870 21.39 -4.93 13.79
N ASN A 871 22.41 -5.51 14.42
CA ASN A 871 23.79 -5.42 13.95
C ASN A 871 24.30 -6.74 13.39
N GLU A 872 23.42 -7.70 13.15
CA GLU A 872 23.86 -9.02 12.71
C GLU A 872 24.70 -8.91 11.44
N ASN A 873 25.71 -9.77 11.36
CA ASN A 873 26.68 -9.75 10.26
C ASN A 873 26.16 -10.66 9.14
N LEU A 874 25.70 -10.03 8.05
CA LEU A 874 25.15 -10.77 6.93
C LEU A 874 26.13 -11.82 6.41
N GLY A 875 27.39 -11.42 6.22
CA GLY A 875 28.40 -12.39 5.80
C GLY A 875 28.45 -13.59 6.71
N GLU A 876 28.42 -13.35 8.02
CA GLU A 876 28.42 -14.45 8.98
C GLU A 876 27.14 -15.26 8.90
N LEU A 877 25.99 -14.59 8.84
CA LEU A 877 24.72 -15.31 8.66
C LEU A 877 24.73 -16.12 7.37
N ALA A 878 25.36 -15.59 6.32
CA ALA A 878 25.44 -16.33 5.06
C ALA A 878 26.22 -17.63 5.22
N LYS A 879 27.29 -17.61 6.03
CA LYS A 879 28.06 -18.83 6.26
C LYS A 879 27.22 -19.89 6.98
N ILE A 880 26.51 -19.49 8.02
CA ILE A 880 25.63 -20.42 8.74
C ILE A 880 24.64 -21.05 7.79
N ALA A 881 24.03 -20.24 6.90
CA ALA A 881 23.02 -20.77 6.00
C ALA A 881 23.61 -21.76 5.01
N MET A 882 24.79 -21.43 4.45
CA MET A 882 25.42 -22.32 3.48
C MET A 882 25.78 -23.66 4.09
N GLU A 883 26.19 -23.66 5.36
CA GLU A 883 26.67 -24.87 6.02
C GLU A 883 25.54 -25.72 6.59
N SER A 884 24.49 -25.10 7.15
CA SER A 884 23.52 -25.82 7.94
C SER A 884 22.09 -25.75 7.43
N TYR A 885 21.76 -24.84 6.50
CA TYR A 885 20.39 -24.71 6.03
C TYR A 885 20.34 -24.49 4.52
N SER A 886 21.25 -25.11 3.77
CA SER A 886 21.38 -24.88 2.34
C SER A 886 20.84 -26.07 1.55
N VAL A 887 20.67 -25.82 0.25
CA VAL A 887 20.29 -26.88 -0.69
C VAL A 887 21.53 -27.62 -1.18
N THR A 888 22.65 -26.92 -1.36
CA THR A 888 23.88 -27.56 -1.82
C THR A 888 24.34 -28.64 -0.85
N ASN A 889 24.41 -28.31 0.44
CA ASN A 889 24.85 -29.23 1.47
C ASN A 889 23.68 -29.91 2.17
N MET A 890 22.52 -30.01 1.52
CA MET A 890 21.31 -30.48 2.17
C MET A 890 21.40 -31.96 2.54
N ASP A 891 22.14 -32.76 1.76
CA ASP A 891 22.20 -34.18 2.07
C ASP A 891 23.10 -34.48 3.25
N LYS A 892 24.14 -33.66 3.47
CA LYS A 892 24.91 -33.78 4.70
C LYS A 892 24.10 -33.32 5.90
N ILE A 893 23.27 -32.30 5.72
CA ILE A 893 22.37 -31.83 6.77
C ILE A 893 21.28 -32.87 7.02
C1 EDO B . -9.32 -10.96 -7.34
O1 EDO B . -8.31 -11.01 -8.35
C2 EDO B . -8.74 -10.40 -6.06
O2 EDO B . -8.26 -9.06 -6.30
CA CA C . -28.96 -6.77 28.55
S SO4 D . -18.95 -7.24 -24.00
O1 SO4 D . -19.96 -8.29 -23.90
O2 SO4 D . -19.53 -6.08 -24.66
O3 SO4 D . -18.49 -6.85 -22.67
O4 SO4 D . -17.80 -7.73 -24.77
S SO4 E . 22.85 20.34 6.24
O1 SO4 E . 22.05 19.87 5.12
O2 SO4 E . 22.24 21.53 6.82
O3 SO4 E . 22.92 19.29 7.25
O4 SO4 E . 24.20 20.66 5.78
S SO4 F . 18.06 7.52 -29.11
O1 SO4 F . 18.09 6.07 -29.09
O2 SO4 F . 16.82 7.99 -28.49
O3 SO4 F . 19.20 8.04 -28.36
O4 SO4 F . 18.12 8.00 -30.49
S SO4 G . -33.31 -4.66 14.52
O1 SO4 G . -34.33 -4.34 15.50
O2 SO4 G . -33.95 -5.03 13.25
O3 SO4 G . -32.45 -3.50 14.30
O4 SO4 G . -32.51 -5.79 14.99
S SO4 H . 39.08 -7.17 -9.42
O1 SO4 H . 37.92 -8.05 -9.43
O2 SO4 H . 38.68 -5.83 -9.84
O3 SO4 H . 39.64 -7.11 -8.07
O4 SO4 H . 40.08 -7.70 -10.34
S SO4 I . 34.60 21.32 -6.27
O1 SO4 I . 33.39 20.98 -5.52
O2 SO4 I . 34.97 20.21 -7.14
O3 SO4 I . 35.69 21.59 -5.34
O4 SO4 I . 34.36 22.50 -7.09
C1 EDO J . 31.38 21.17 -24.13
O1 EDO J . 32.78 21.22 -23.81
C2 EDO J . 31.20 20.96 -25.62
O2 EDO J . 31.85 19.74 -25.97
CAA Z7S K . -6.24 -7.83 -3.39
CAG Z7S K . -3.96 -5.56 -10.77
CAH Z7S K . -5.80 -8.58 -8.31
CAK Z7S K . -5.41 -7.15 -4.47
CAL Z7S K . -4.76 -6.23 -9.66
CAM Z7S K . -4.63 -7.75 -7.77
CAN Z7S K . -5.30 -5.15 -8.76
CAO Z7S K . -6.11 -5.75 -7.62
CAP Z7S K . -5.18 -6.65 -6.84
NAI Z7S K . -5.90 -7.26 -5.72
NAJ Z7S K . -3.89 -7.12 -8.88
OAB Z7S K . -4.40 -6.52 -4.18
OAC Z7S K . -2.88 -4.81 -10.19
OAD Z7S K . -5.29 -9.61 -9.18
OAE Z7S K . -6.13 -4.25 -9.51
OAF Z7S K . -6.59 -4.72 -6.75
#